data_2GLP
#
_entry.id   2GLP
#
_cell.length_a   74.003
_cell.length_b   100.578
_cell.length_c   186.472
_cell.angle_alpha   90.00
_cell.angle_beta   90.00
_cell.angle_gamma   90.00
#
_symmetry.space_group_name_H-M   'P 21 21 21'
#
loop_
_entity.id
_entity.type
_entity.pdbx_description
1 polymer '(3R)-hydroxymyristoyl-acyl carrier protein dehydratase'
2 non-polymer 'CHLORIDE ION'
3 non-polymer BENZAMIDINE
4 non-polymer "N'-[(1E)-(3,5-DIBROMO-2,4-DIHYDROXYPHENYL)METHYLENE]NICOTINOHYDRAZIDE"
5 water water
#
_entity_poly.entity_id   1
_entity_poly.type   'polypeptide(L)'
_entity_poly.pdbx_seq_one_letter_code
;MRGSHHHHHHGSMEQSHQNLQSQFFIEHILQILPHRYPMLLVDRITELQANQKIVAYKNITFNEDVFNGHFPNKPIFPGV
LIVEGMAQSGGFLAFTSLWGFDPEIAKTKIVYFMTIDKVKFRIPVTPGDRLEYHLEVLKHKGMIWQVGGTAQVDGKVVAE
AELKAMIAERE
;
_entity_poly.pdbx_strand_id   A,B,C,D,E,F
#
# COMPACT_ATOMS: atom_id res chain seq x y z
N LEU A 20 29.70 8.63 19.56
CA LEU A 20 29.83 8.74 21.04
C LEU A 20 28.65 8.09 21.81
N GLN A 21 27.51 7.91 21.16
CA GLN A 21 26.36 7.32 21.84
C GLN A 21 26.20 5.81 21.59
N SER A 22 25.55 5.12 22.52
CA SER A 22 25.31 3.68 22.41
C SER A 22 23.82 3.39 22.21
N GLN A 23 22.99 4.42 22.35
CA GLN A 23 21.54 4.26 22.16
C GLN A 23 20.99 5.27 21.14
N PHE A 24 20.18 4.77 20.21
CA PHE A 24 19.57 5.61 19.16
C PHE A 24 18.15 5.15 18.84
N PHE A 25 17.27 6.10 18.58
CA PHE A 25 15.89 5.78 18.25
C PHE A 25 15.64 6.11 16.78
N ILE A 26 14.47 5.72 16.27
CA ILE A 26 14.11 5.92 14.87
C ILE A 26 14.46 7.30 14.29
N GLU A 27 14.37 8.33 15.12
CA GLU A 27 14.68 9.70 14.71
C GLU A 27 16.11 9.77 14.19
N HIS A 28 17.03 9.17 14.96
CA HIS A 28 18.44 9.15 14.63
C HIS A 28 18.73 8.20 13.49
N ILE A 29 18.09 7.05 13.49
CA ILE A 29 18.26 6.05 12.45
C ILE A 29 17.90 6.64 11.09
N LEU A 30 16.85 7.46 11.06
CA LEU A 30 16.39 8.10 9.84
C LEU A 30 17.42 9.11 9.32
N GLN A 31 18.18 9.71 10.22
CA GLN A 31 19.19 10.69 9.83
C GLN A 31 20.45 10.05 9.29
N ILE A 32 20.65 8.78 9.61
CA ILE A 32 21.82 8.06 9.16
C ILE A 32 21.57 7.18 7.93
N LEU A 33 20.56 6.33 7.97
CA LEU A 33 20.28 5.46 6.83
C LEU A 33 19.40 6.11 5.76
N PRO A 34 19.67 5.83 4.48
CA PRO A 34 18.88 6.39 3.38
C PRO A 34 17.60 5.59 3.17
N HIS A 35 17.59 4.37 3.68
CA HIS A 35 16.44 3.47 3.57
C HIS A 35 15.18 4.11 4.15
N ARG A 36 14.06 3.88 3.45
CA ARG A 36 12.78 4.39 3.90
C ARG A 36 11.73 3.31 3.70
N TYR A 37 10.48 3.62 4.03
CA TYR A 37 9.38 2.67 3.87
C TYR A 37 9.25 2.30 2.40
N PRO A 38 9.01 1.02 2.09
CA PRO A 38 8.87 -0.09 3.04
C PRO A 38 10.15 -0.93 3.20
N MET A 39 11.31 -0.27 3.20
CA MET A 39 12.58 -0.98 3.34
C MET A 39 13.51 -0.51 4.47
N LEU A 40 12.99 0.30 5.40
CA LEU A 40 13.80 0.71 6.54
C LEU A 40 13.43 -0.33 7.59
N LEU A 41 14.31 -1.30 7.82
CA LEU A 41 14.03 -2.40 8.72
C LEU A 41 14.72 -2.43 10.09
N VAL A 42 14.95 -1.28 10.70
CA VAL A 42 15.58 -1.20 12.02
C VAL A 42 14.91 -0.05 12.79
N ASP A 43 14.28 -0.40 13.91
CA ASP A 43 13.56 0.59 14.70
C ASP A 43 14.33 1.28 15.82
N ARG A 44 15.28 0.58 16.43
CA ARG A 44 16.01 1.15 17.53
C ARG A 44 17.34 0.46 17.73
N ILE A 45 18.29 1.21 18.27
CA ILE A 45 19.63 0.68 18.54
C ILE A 45 19.80 0.75 20.04
N THR A 46 20.03 -0.40 20.65
CA THR A 46 20.19 -0.48 22.10
C THR A 46 21.63 -0.50 22.59
N GLU A 47 22.56 -0.90 21.73
CA GLU A 47 23.96 -0.96 22.12
C GLU A 47 24.84 -0.70 20.90
N LEU A 48 25.81 0.19 21.03
CA LEU A 48 26.71 0.46 19.92
C LEU A 48 28.09 0.73 20.42
N GLN A 49 29.08 0.10 19.78
CA GLN A 49 30.48 0.25 20.14
C GLN A 49 31.31 0.40 18.87
N ALA A 50 31.82 1.61 18.66
CA ALA A 50 32.63 1.92 17.49
C ALA A 50 33.60 0.81 17.10
N ASN A 51 33.60 0.48 15.81
CA ASN A 51 34.49 -0.53 15.23
C ASN A 51 34.40 -1.90 15.87
N GLN A 52 33.38 -2.15 16.68
CA GLN A 52 33.26 -3.46 17.30
C GLN A 52 31.93 -4.13 17.11
N LYS A 53 30.88 -3.53 17.65
CA LYS A 53 29.58 -4.15 17.51
C LYS A 53 28.41 -3.22 17.69
N ILE A 54 27.24 -3.79 17.40
CA ILE A 54 25.99 -3.07 17.53
C ILE A 54 24.90 -4.08 17.82
N VAL A 55 23.96 -3.68 18.67
CA VAL A 55 22.81 -4.49 19.01
C VAL A 55 21.61 -3.59 18.72
N ALA A 56 20.69 -4.10 17.90
CA ALA A 56 19.51 -3.32 17.55
C ALA A 56 18.33 -4.25 17.27
N TYR A 57 17.17 -3.68 16.99
CA TYR A 57 16.02 -4.51 16.72
C TYR A 57 14.95 -3.84 15.88
N LYS A 58 14.04 -4.68 15.39
CA LYS A 58 12.91 -4.24 14.61
C LYS A 58 11.71 -5.02 15.13
N ASN A 59 10.65 -4.32 15.49
CA ASN A 59 9.46 -5.01 15.96
C ASN A 59 8.77 -5.62 14.76
N ILE A 60 8.12 -6.75 14.99
CA ILE A 60 7.41 -7.42 13.93
C ILE A 60 5.94 -7.36 14.32
N THR A 61 5.11 -6.87 13.41
CA THR A 61 3.67 -6.73 13.63
C THR A 61 2.89 -7.19 12.40
N PHE A 62 1.69 -7.70 12.61
CA PHE A 62 0.85 -8.16 11.50
C PHE A 62 0.51 -7.01 10.57
N ASN A 63 0.50 -5.79 11.11
CA ASN A 63 0.18 -4.58 10.36
C ASN A 63 1.27 -4.14 9.36
N GLU A 64 1.92 -5.11 8.70
CA GLU A 64 2.94 -4.78 7.72
C GLU A 64 2.55 -5.37 6.36
N ASP A 65 2.69 -4.58 5.30
CA ASP A 65 2.30 -5.04 3.98
C ASP A 65 2.89 -6.38 3.56
N VAL A 66 4.13 -6.63 3.96
CA VAL A 66 4.80 -7.87 3.60
C VAL A 66 4.01 -9.12 3.94
N PHE A 67 3.26 -9.09 5.03
CA PHE A 67 2.49 -10.25 5.43
C PHE A 67 1.29 -10.59 4.57
N ASN A 68 0.84 -9.64 3.74
CA ASN A 68 -0.29 -9.92 2.86
C ASN A 68 0.09 -11.04 1.87
N GLY A 69 1.37 -11.11 1.52
CA GLY A 69 1.82 -12.12 0.59
C GLY A 69 2.80 -13.16 1.12
N HIS A 70 3.20 -13.05 2.38
CA HIS A 70 4.15 -13.99 2.93
C HIS A 70 3.83 -14.44 4.37
N PHE A 71 2.82 -15.30 4.56
CA PHE A 71 1.98 -15.85 3.50
C PHE A 71 0.51 -15.72 3.99
N PRO A 72 -0.46 -15.77 3.06
CA PRO A 72 -1.86 -15.66 3.52
C PRO A 72 -2.23 -16.75 4.54
N ASN A 73 -2.80 -16.30 5.66
CA ASN A 73 -3.20 -17.16 6.76
C ASN A 73 -2.02 -17.74 7.53
N LYS A 74 -0.81 -17.43 7.08
CA LYS A 74 0.40 -17.92 7.73
C LYS A 74 1.48 -16.83 7.61
N PRO A 75 1.37 -15.76 8.43
CA PRO A 75 2.34 -14.66 8.41
C PRO A 75 3.71 -15.04 8.92
N ILE A 76 4.72 -14.90 8.07
CA ILE A 76 6.10 -15.21 8.43
C ILE A 76 6.99 -14.13 7.87
N PHE A 77 7.81 -13.52 8.71
CA PHE A 77 8.70 -12.46 8.28
C PHE A 77 9.81 -13.05 7.39
N PRO A 78 9.86 -12.63 6.12
CA PRO A 78 10.87 -13.11 5.16
C PRO A 78 12.31 -13.21 5.70
N GLY A 79 12.93 -14.37 5.51
CA GLY A 79 14.29 -14.57 5.96
C GLY A 79 15.26 -13.60 5.31
N VAL A 80 15.05 -13.26 4.04
CA VAL A 80 15.94 -12.34 3.37
C VAL A 80 15.80 -10.93 3.94
N LEU A 81 14.63 -10.63 4.52
CA LEU A 81 14.45 -9.31 5.10
C LEU A 81 15.14 -9.24 6.47
N ILE A 82 15.33 -10.39 7.10
CA ILE A 82 16.02 -10.46 8.38
C ILE A 82 17.49 -10.14 8.08
N VAL A 83 17.99 -10.71 6.99
CA VAL A 83 19.37 -10.48 6.57
C VAL A 83 19.54 -9.00 6.25
N GLU A 84 18.57 -8.45 5.54
CA GLU A 84 18.57 -7.04 5.15
C GLU A 84 18.64 -6.18 6.42
N GLY A 85 17.92 -6.59 7.45
CA GLY A 85 17.89 -5.86 8.70
C GLY A 85 19.23 -5.92 9.39
N MET A 86 19.91 -7.06 9.25
CA MET A 86 21.23 -7.23 9.83
C MET A 86 22.23 -6.35 9.07
N ALA A 87 22.03 -6.25 7.76
CA ALA A 87 22.92 -5.45 6.92
C ALA A 87 22.79 -3.95 7.23
N GLN A 88 21.57 -3.47 7.36
CA GLN A 88 21.35 -2.06 7.66
C GLN A 88 21.97 -1.72 9.00
N SER A 89 21.86 -2.64 9.95
CA SER A 89 22.43 -2.45 11.27
C SER A 89 23.92 -2.32 11.13
N GLY A 90 24.52 -3.27 10.41
CA GLY A 90 25.96 -3.25 10.19
C GLY A 90 26.36 -1.96 9.51
N GLY A 91 25.58 -1.53 8.53
CA GLY A 91 25.88 -0.31 7.82
C GLY A 91 25.87 0.91 8.72
N PHE A 92 24.93 0.94 9.67
CA PHE A 92 24.83 2.05 10.60
C PHE A 92 26.11 2.01 11.44
N LEU A 93 26.50 0.80 11.81
CA LEU A 93 27.68 0.60 12.64
C LEU A 93 28.92 1.11 11.94
N ALA A 94 29.09 0.71 10.68
CA ALA A 94 30.25 1.12 9.89
C ALA A 94 30.37 2.63 9.80
N PHE A 95 29.30 3.28 9.37
CA PHE A 95 29.30 4.71 9.21
C PHE A 95 29.57 5.49 10.49
N THR A 96 28.79 5.20 11.52
CA THR A 96 28.97 5.92 12.78
C THR A 96 30.37 5.65 13.33
N SER A 97 30.92 4.47 13.03
CA SER A 97 32.26 4.13 13.50
C SER A 97 33.31 5.03 12.88
N LEU A 98 33.05 5.48 11.66
CA LEU A 98 33.99 6.33 10.94
C LEU A 98 33.75 7.83 11.07
N TRP A 99 32.49 8.25 11.10
CA TRP A 99 32.20 9.68 11.18
C TRP A 99 31.39 10.09 12.41
N GLY A 100 30.96 9.11 13.20
CA GLY A 100 30.15 9.43 14.36
C GLY A 100 28.75 9.75 13.88
N PHE A 101 27.95 10.40 14.73
CA PHE A 101 26.58 10.76 14.34
C PHE A 101 26.62 12.04 13.56
N ASP A 102 26.89 11.93 12.26
CA ASP A 102 27.01 13.09 11.38
C ASP A 102 26.02 13.00 10.22
N PRO A 103 24.78 13.47 10.42
CA PRO A 103 23.73 13.45 9.39
C PRO A 103 24.16 14.01 8.05
N GLU A 104 24.82 15.17 8.07
CA GLU A 104 25.26 15.81 6.85
C GLU A 104 26.14 14.93 5.96
N ILE A 105 27.13 14.26 6.55
CA ILE A 105 27.98 13.39 5.74
C ILE A 105 27.26 12.08 5.41
N ALA A 106 26.42 11.63 6.32
CA ALA A 106 25.68 10.39 6.10
C ALA A 106 24.90 10.48 4.80
N LYS A 107 24.31 11.64 4.53
CA LYS A 107 23.52 11.80 3.31
C LYS A 107 24.32 11.91 2.01
N THR A 108 25.64 11.74 2.09
CA THR A 108 26.46 11.78 0.87
C THR A 108 27.09 10.40 0.68
N LYS A 109 26.75 9.47 1.57
CA LYS A 109 27.29 8.13 1.50
C LYS A 109 26.20 7.08 1.49
N ILE A 110 26.57 5.87 1.08
CA ILE A 110 25.65 4.74 1.05
C ILE A 110 26.44 3.45 1.16
N VAL A 111 26.00 2.56 2.06
CA VAL A 111 26.65 1.28 2.27
C VAL A 111 25.95 0.25 1.38
N TYR A 112 26.72 -0.53 0.62
CA TYR A 112 26.16 -1.57 -0.26
C TYR A 112 26.61 -2.96 0.18
N PHE A 113 25.83 -3.97 -0.17
CA PHE A 113 26.13 -5.38 0.14
C PHE A 113 27.04 -5.87 -0.96
N MET A 114 28.24 -6.33 -0.63
CA MET A 114 29.11 -6.85 -1.67
C MET A 114 28.90 -8.36 -1.70
N THR A 115 28.92 -8.97 -0.52
CA THR A 115 28.74 -10.41 -0.38
C THR A 115 27.96 -10.76 0.89
N ILE A 116 27.35 -11.93 0.86
CA ILE A 116 26.58 -12.50 1.97
C ILE A 116 26.91 -13.99 2.02
N ASP A 117 27.31 -14.48 3.19
CA ASP A 117 27.65 -15.89 3.32
C ASP A 117 27.15 -16.49 4.61
N LYS A 118 27.30 -17.81 4.70
CA LYS A 118 26.93 -18.56 5.89
C LYS A 118 25.60 -18.14 6.53
N VAL A 119 24.58 -17.98 5.71
CA VAL A 119 23.28 -17.59 6.22
C VAL A 119 22.51 -18.85 6.55
N LYS A 120 21.92 -18.88 7.74
CA LYS A 120 21.13 -20.02 8.17
C LYS A 120 19.89 -19.50 8.89
N PHE A 121 18.74 -20.11 8.60
CA PHE A 121 17.49 -19.75 9.24
C PHE A 121 17.13 -20.90 10.17
N ARG A 122 17.03 -20.61 11.46
CA ARG A 122 16.73 -21.64 12.46
C ARG A 122 15.30 -21.67 12.94
N ILE A 123 14.71 -20.49 13.08
CA ILE A 123 13.35 -20.41 13.59
C ILE A 123 12.56 -19.34 12.85
N PRO A 124 11.29 -19.63 12.53
CA PRO A 124 10.49 -18.63 11.84
C PRO A 124 10.18 -17.43 12.74
N VAL A 125 10.19 -16.25 12.14
CA VAL A 125 9.91 -14.99 12.84
C VAL A 125 8.47 -14.60 12.49
N THR A 126 7.68 -14.25 13.49
CA THR A 126 6.28 -13.91 13.25
C THR A 126 5.80 -12.66 14.01
N PRO A 127 4.60 -12.16 13.64
CA PRO A 127 4.06 -10.98 14.32
C PRO A 127 4.12 -11.16 15.84
N GLY A 128 4.44 -10.08 16.54
CA GLY A 128 4.56 -10.14 17.98
C GLY A 128 6.00 -10.27 18.40
N ASP A 129 6.86 -10.68 17.46
CA ASP A 129 8.28 -10.86 17.74
C ASP A 129 9.09 -9.57 17.76
N ARG A 130 10.16 -9.58 18.56
CA ARG A 130 11.09 -8.47 18.66
C ARG A 130 12.35 -9.02 18.00
N LEU A 131 12.52 -8.72 16.70
CA LEU A 131 13.66 -9.20 15.95
C LEU A 131 14.91 -8.39 16.29
N GLU A 132 15.75 -8.97 17.14
CA GLU A 132 16.96 -8.33 17.61
C GLU A 132 18.21 -8.67 16.79
N TYR A 133 18.85 -7.63 16.24
CA TYR A 133 20.05 -7.81 15.43
C TYR A 133 21.32 -7.71 16.27
N HIS A 134 22.21 -8.68 16.11
CA HIS A 134 23.49 -8.70 16.84
C HIS A 134 24.61 -8.78 15.82
N LEU A 135 25.27 -7.66 15.55
CA LEU A 135 26.36 -7.63 14.59
C LEU A 135 27.71 -7.30 15.21
N GLU A 136 28.73 -8.05 14.82
CA GLU A 136 30.08 -7.86 15.30
C GLU A 136 30.99 -7.55 14.10
N VAL A 137 31.94 -6.66 14.28
CA VAL A 137 32.88 -6.29 13.21
C VAL A 137 34.02 -7.31 13.10
N LEU A 138 33.99 -8.15 12.08
CA LEU A 138 35.02 -9.16 11.88
C LEU A 138 36.29 -8.56 11.28
N LYS A 139 36.14 -7.53 10.47
CA LYS A 139 37.29 -6.89 9.84
C LYS A 139 36.90 -5.62 9.07
N HIS A 140 37.63 -4.54 9.30
CA HIS A 140 37.35 -3.30 8.59
C HIS A 140 38.67 -2.64 8.19
N LYS A 141 38.68 -2.03 7.02
CA LYS A 141 39.87 -1.37 6.50
C LYS A 141 39.33 -0.34 5.52
N GLY A 142 39.15 0.89 6.00
CA GLY A 142 38.63 1.93 5.15
C GLY A 142 37.15 1.78 4.95
N MET A 143 36.71 1.90 3.70
CA MET A 143 35.29 1.82 3.38
C MET A 143 34.78 0.39 3.28
N ILE A 144 35.71 -0.58 3.34
CA ILE A 144 35.36 -1.99 3.25
C ILE A 144 35.13 -2.59 4.64
N TRP A 145 33.90 -3.02 4.90
CA TRP A 145 33.53 -3.59 6.19
C TRP A 145 32.99 -5.00 6.14
N GLN A 146 33.47 -5.84 7.05
CA GLN A 146 33.01 -7.22 7.10
C GLN A 146 32.43 -7.51 8.48
N VAL A 147 31.13 -7.78 8.53
CA VAL A 147 30.48 -8.07 9.80
C VAL A 147 29.80 -9.42 9.77
N GLY A 148 29.45 -9.89 10.95
CA GLY A 148 28.79 -11.17 11.06
C GLY A 148 28.04 -11.13 12.37
N GLY A 149 27.07 -12.02 12.52
CA GLY A 149 26.31 -12.03 13.75
C GLY A 149 25.04 -12.85 13.63
N THR A 150 24.06 -12.49 14.43
CA THR A 150 22.79 -13.21 14.45
C THR A 150 21.58 -12.30 14.62
N ALA A 151 20.40 -12.88 14.42
CA ALA A 151 19.13 -12.20 14.61
C ALA A 151 18.54 -13.04 15.74
N GLN A 152 18.02 -12.39 16.77
CA GLN A 152 17.46 -13.13 17.89
C GLN A 152 16.06 -12.75 18.30
N VAL A 153 15.38 -13.70 18.93
CA VAL A 153 14.03 -13.50 19.43
C VAL A 153 14.00 -14.23 20.76
N ASP A 154 13.77 -13.48 21.84
CA ASP A 154 13.73 -14.06 23.18
C ASP A 154 15.06 -14.73 23.50
N GLY A 155 16.15 -14.10 23.10
CA GLY A 155 17.45 -14.65 23.38
C GLY A 155 17.81 -15.89 22.60
N LYS A 156 16.91 -16.35 21.73
CA LYS A 156 17.18 -17.54 20.91
C LYS A 156 17.55 -17.11 19.49
N VAL A 157 18.59 -17.72 18.94
CA VAL A 157 19.05 -17.41 17.61
C VAL A 157 18.01 -17.88 16.59
N VAL A 158 17.50 -16.96 15.77
CA VAL A 158 16.52 -17.33 14.76
C VAL A 158 17.21 -17.36 13.40
N ALA A 159 18.34 -16.67 13.33
CA ALA A 159 19.11 -16.60 12.09
C ALA A 159 20.54 -16.13 12.36
N GLU A 160 21.41 -16.37 11.38
CA GLU A 160 22.81 -15.95 11.45
C GLU A 160 23.31 -15.67 10.02
N ALA A 161 24.29 -14.78 9.89
CA ALA A 161 24.83 -14.46 8.57
C ALA A 161 26.12 -13.63 8.63
N GLU A 162 26.83 -13.62 7.52
CA GLU A 162 28.06 -12.85 7.40
C GLU A 162 27.91 -11.99 6.16
N LEU A 163 28.37 -10.75 6.26
CA LEU A 163 28.27 -9.82 5.15
C LEU A 163 29.53 -8.96 5.06
N LYS A 164 29.84 -8.54 3.84
CA LYS A 164 30.95 -7.65 3.58
C LYS A 164 30.26 -6.51 2.85
N ALA A 165 30.44 -5.29 3.35
CA ALA A 165 29.82 -4.14 2.74
C ALA A 165 30.85 -3.13 2.27
N MET A 166 30.37 -2.13 1.55
CA MET A 166 31.22 -1.08 1.02
C MET A 166 30.52 0.25 1.23
N ILE A 167 31.22 1.19 1.87
CA ILE A 167 30.66 2.52 2.10
C ILE A 167 31.03 3.30 0.86
N ALA A 168 30.02 3.55 0.03
CA ALA A 168 30.24 4.24 -1.22
C ALA A 168 29.67 5.65 -1.24
N GLU A 169 30.05 6.34 -2.30
CA GLU A 169 29.62 7.69 -2.56
C GLU A 169 28.18 7.58 -3.08
N ARG A 170 27.27 8.38 -2.56
CA ARG A 170 25.90 8.30 -3.02
C ARG A 170 25.81 8.89 -4.43
N GLU A 171 26.76 9.75 -4.78
CA GLU A 171 26.80 10.39 -6.10
C GLU A 171 28.15 10.14 -6.76
N GLN B 21 5.23 -29.55 -18.77
CA GLN B 21 5.59 -28.44 -19.70
C GLN B 21 6.92 -27.81 -19.27
N SER B 22 7.46 -26.93 -20.14
CA SER B 22 8.73 -26.26 -19.86
C SER B 22 8.56 -24.74 -19.69
N GLN B 23 7.49 -24.16 -20.25
CA GLN B 23 7.24 -22.73 -20.05
C GLN B 23 5.99 -22.56 -19.22
N PHE B 24 6.07 -21.69 -18.21
CA PHE B 24 4.95 -21.42 -17.32
C PHE B 24 4.71 -19.93 -17.21
N PHE B 25 3.45 -19.55 -17.00
CA PHE B 25 3.10 -18.15 -16.86
C PHE B 25 2.63 -17.86 -15.44
N ILE B 26 2.46 -16.59 -15.14
CA ILE B 26 2.03 -16.17 -13.82
C ILE B 26 0.89 -17.02 -13.23
N GLU B 27 -0.11 -17.33 -14.04
CA GLU B 27 -1.25 -18.13 -13.57
C GLU B 27 -0.81 -19.51 -13.08
N HIS B 28 0.14 -20.14 -13.79
CA HIS B 28 0.61 -21.45 -13.36
C HIS B 28 1.44 -21.27 -12.10
N ILE B 29 2.28 -20.23 -12.09
CA ILE B 29 3.13 -19.95 -10.94
C ILE B 29 2.27 -19.76 -9.69
N LEU B 30 1.19 -19.00 -9.82
CA LEU B 30 0.28 -18.74 -8.70
C LEU B 30 -0.34 -20.01 -8.10
N GLN B 31 -0.42 -21.07 -8.89
CA GLN B 31 -0.99 -22.33 -8.43
C GLN B 31 0.04 -23.21 -7.73
N ILE B 32 1.32 -22.91 -7.91
CA ILE B 32 2.35 -23.70 -7.28
C ILE B 32 2.97 -23.01 -6.06
N LEU B 33 3.30 -21.73 -6.20
CA LEU B 33 3.87 -21.00 -5.08
C LEU B 33 2.79 -20.41 -4.17
N PRO B 34 3.01 -20.44 -2.85
CA PRO B 34 2.06 -19.90 -1.88
C PRO B 34 2.22 -18.38 -1.74
N HIS B 35 3.35 -17.88 -2.23
CA HIS B 35 3.66 -16.46 -2.17
C HIS B 35 2.64 -15.64 -2.93
N ARG B 36 2.35 -14.45 -2.41
CA ARG B 36 1.40 -13.54 -3.04
C ARG B 36 1.98 -12.13 -2.94
N TYR B 37 1.28 -11.14 -3.49
CA TYR B 37 1.74 -9.76 -3.42
C TYR B 37 1.87 -9.33 -1.96
N PRO B 38 2.95 -8.59 -1.64
CA PRO B 38 4.01 -8.16 -2.54
C PRO B 38 5.28 -8.99 -2.34
N MET B 39 5.10 -10.30 -2.26
CA MET B 39 6.24 -11.18 -2.06
C MET B 39 6.45 -12.27 -3.10
N LEU B 40 5.64 -12.26 -4.16
CA LEU B 40 5.81 -13.24 -5.25
C LEU B 40 6.71 -12.56 -6.25
N LEU B 41 7.98 -12.96 -6.26
CA LEU B 41 8.97 -12.33 -7.13
C LEU B 41 9.41 -13.08 -8.40
N VAL B 42 8.51 -13.86 -8.96
CA VAL B 42 8.80 -14.58 -10.20
C VAL B 42 7.60 -14.39 -11.11
N ASP B 43 7.81 -13.82 -12.29
CA ASP B 43 6.72 -13.59 -13.24
C ASP B 43 6.50 -14.68 -14.29
N ARG B 44 7.57 -15.27 -14.81
CA ARG B 44 7.40 -16.29 -15.85
C ARG B 44 8.54 -17.31 -15.85
N ILE B 45 8.19 -18.57 -16.13
CA ILE B 45 9.19 -19.65 -16.19
C ILE B 45 9.43 -19.95 -17.67
N THR B 46 10.62 -19.65 -18.18
CA THR B 46 10.92 -19.89 -19.58
C THR B 46 11.58 -21.23 -19.88
N GLU B 47 12.16 -21.87 -18.87
CA GLU B 47 12.84 -23.14 -19.11
C GLU B 47 12.93 -24.00 -17.85
N LEU B 48 12.57 -25.27 -17.95
CA LEU B 48 12.66 -26.17 -16.80
C LEU B 48 12.97 -27.62 -17.20
N GLN B 49 14.02 -28.16 -16.58
CA GLN B 49 14.44 -29.54 -16.84
C GLN B 49 14.45 -30.25 -15.50
N ALA B 50 13.52 -31.17 -15.30
CA ALA B 50 13.43 -31.90 -14.03
C ALA B 50 14.77 -32.39 -13.48
N ASN B 51 15.00 -32.10 -12.19
CA ASN B 51 16.21 -32.49 -11.47
C ASN B 51 17.47 -31.80 -11.95
N GLN B 52 17.36 -30.94 -12.95
CA GLN B 52 18.54 -30.26 -13.49
C GLN B 52 18.56 -28.75 -13.33
N LYS B 53 17.75 -28.05 -14.10
CA LYS B 53 17.77 -26.60 -14.02
C LYS B 53 16.50 -25.86 -14.46
N ILE B 54 16.45 -24.58 -14.07
CA ILE B 54 15.33 -23.74 -14.38
C ILE B 54 15.82 -22.36 -14.78
N VAL B 55 15.12 -21.74 -15.72
CA VAL B 55 15.43 -20.39 -16.13
C VAL B 55 14.08 -19.67 -16.01
N ALA B 56 14.04 -18.65 -15.18
CA ALA B 56 12.83 -17.90 -14.97
C ALA B 56 13.21 -16.43 -14.88
N TYR B 57 12.22 -15.55 -14.85
CA TYR B 57 12.54 -14.15 -14.73
C TYR B 57 11.46 -13.31 -14.07
N LYS B 58 11.86 -12.13 -13.63
CA LYS B 58 10.96 -11.18 -13.01
C LYS B 58 11.24 -9.83 -13.65
N ASN B 59 10.17 -9.13 -14.03
CA ASN B 59 10.34 -7.83 -14.64
C ASN B 59 10.45 -6.75 -13.57
N ILE B 60 11.41 -5.85 -13.72
CA ILE B 60 11.59 -4.79 -12.74
C ILE B 60 11.06 -3.48 -13.32
N THR B 61 10.14 -2.87 -12.60
CA THR B 61 9.51 -1.62 -13.03
C THR B 61 9.48 -0.62 -11.90
N PHE B 62 9.39 0.66 -12.24
CA PHE B 62 9.35 1.69 -11.20
C PHE B 62 8.06 1.58 -10.39
N ASN B 63 7.01 1.06 -11.02
CA ASN B 63 5.70 0.93 -10.37
C ASN B 63 5.62 -0.11 -9.26
N GLU B 64 6.69 -0.27 -8.49
CA GLU B 64 6.69 -1.22 -7.40
C GLU B 64 6.86 -0.45 -6.09
N ASP B 65 6.10 -0.86 -5.08
CA ASP B 65 6.10 -0.21 -3.77
C ASP B 65 7.50 -0.15 -3.14
N VAL B 66 8.28 -1.21 -3.31
CA VAL B 66 9.64 -1.28 -2.77
C VAL B 66 10.48 -0.05 -3.10
N PHE B 67 10.32 0.50 -4.30
CA PHE B 67 11.11 1.66 -4.72
C PHE B 67 10.79 2.98 -4.01
N ASN B 68 9.75 3.00 -3.20
CA ASN B 68 9.45 4.21 -2.46
C ASN B 68 10.55 4.39 -1.42
N GLY B 69 11.05 3.28 -0.88
CA GLY B 69 12.08 3.38 0.14
C GLY B 69 13.44 2.80 -0.19
N HIS B 70 13.67 2.44 -1.45
CA HIS B 70 14.96 1.86 -1.79
C HIS B 70 15.44 2.22 -3.20
N PHE B 71 15.82 3.48 -3.41
CA PHE B 71 15.78 4.50 -2.37
C PHE B 71 15.14 5.74 -2.99
N PRO B 72 14.60 6.65 -2.17
CA PRO B 72 13.98 7.83 -2.78
C PRO B 72 14.96 8.59 -3.69
N ASN B 73 14.53 8.88 -4.91
CA ASN B 73 15.36 9.58 -5.89
C ASN B 73 16.36 8.61 -6.57
N LYS B 74 16.59 7.45 -5.97
CA LYS B 74 17.52 6.47 -6.53
C LYS B 74 17.00 5.02 -6.47
N PRO B 75 16.14 4.64 -7.43
CA PRO B 75 15.59 3.28 -7.46
C PRO B 75 16.56 2.14 -7.72
N ILE B 76 16.65 1.24 -6.76
CA ILE B 76 17.52 0.07 -6.82
C ILE B 76 16.81 -1.12 -6.20
N PHE B 77 16.68 -2.19 -6.97
CA PHE B 77 16.01 -3.39 -6.49
C PHE B 77 16.89 -4.02 -5.40
N PRO B 78 16.31 -4.31 -4.23
CA PRO B 78 17.11 -4.91 -3.15
C PRO B 78 17.84 -6.19 -3.54
N GLY B 79 19.09 -6.28 -3.10
CA GLY B 79 19.89 -7.46 -3.40
C GLY B 79 19.30 -8.69 -2.75
N VAL B 80 18.75 -8.52 -1.53
CA VAL B 80 18.15 -9.62 -0.82
C VAL B 80 16.89 -10.07 -1.55
N LEU B 81 16.28 -9.17 -2.31
CA LEU B 81 15.09 -9.52 -3.05
C LEU B 81 15.45 -10.32 -4.28
N ILE B 82 16.66 -10.09 -4.80
CA ILE B 82 17.15 -10.83 -5.96
C ILE B 82 17.36 -12.27 -5.51
N VAL B 83 17.95 -12.43 -4.32
CA VAL B 83 18.20 -13.75 -3.74
C VAL B 83 16.87 -14.45 -3.46
N GLU B 84 15.87 -13.69 -3.04
CA GLU B 84 14.55 -14.23 -2.75
C GLU B 84 13.92 -14.76 -4.04
N GLY B 85 14.16 -14.04 -5.14
CA GLY B 85 13.62 -14.44 -6.42
C GLY B 85 14.26 -15.72 -6.91
N MET B 86 15.54 -15.88 -6.60
CA MET B 86 16.28 -17.09 -6.99
C MET B 86 15.79 -18.26 -6.16
N ALA B 87 15.47 -17.99 -4.90
CA ALA B 87 14.97 -19.04 -4.01
C ALA B 87 13.63 -19.56 -4.51
N GLN B 88 12.69 -18.65 -4.76
CA GLN B 88 11.37 -19.06 -5.25
C GLN B 88 11.50 -19.86 -6.54
N SER B 89 12.41 -19.45 -7.42
CA SER B 89 12.62 -20.17 -8.68
C SER B 89 13.15 -21.56 -8.37
N GLY B 90 14.08 -21.64 -7.44
CA GLY B 90 14.66 -22.91 -7.04
C GLY B 90 13.68 -23.84 -6.34
N GLY B 91 12.73 -23.27 -5.60
CA GLY B 91 11.75 -24.10 -4.92
C GLY B 91 10.74 -24.62 -5.95
N PHE B 92 10.52 -23.82 -6.98
CA PHE B 92 9.61 -24.20 -8.04
C PHE B 92 10.20 -25.37 -8.82
N LEU B 93 11.52 -25.33 -8.98
CA LEU B 93 12.26 -26.37 -9.68
C LEU B 93 12.18 -27.66 -8.89
N ALA B 94 12.56 -27.58 -7.61
CA ALA B 94 12.56 -28.74 -6.72
C ALA B 94 11.18 -29.37 -6.65
N PHE B 95 10.16 -28.55 -6.42
CA PHE B 95 8.80 -29.07 -6.33
C PHE B 95 8.32 -29.73 -7.62
N THR B 96 8.43 -29.02 -8.75
CA THR B 96 7.97 -29.57 -10.02
C THR B 96 8.78 -30.77 -10.47
N SER B 97 10.01 -30.90 -9.98
CA SER B 97 10.86 -32.01 -10.34
C SER B 97 10.28 -33.30 -9.79
N LEU B 98 9.78 -33.20 -8.56
CA LEU B 98 9.21 -34.35 -7.87
C LEU B 98 7.76 -34.68 -8.18
N TRP B 99 6.92 -33.66 -8.27
CA TRP B 99 5.49 -33.86 -8.48
C TRP B 99 4.92 -33.22 -9.74
N GLY B 100 5.78 -32.54 -10.51
CA GLY B 100 5.35 -31.89 -11.73
C GLY B 100 4.40 -30.72 -11.46
N PHE B 101 3.54 -30.42 -12.42
CA PHE B 101 2.59 -29.34 -12.25
C PHE B 101 1.33 -29.85 -11.54
N ASP B 102 1.41 -29.92 -10.21
CA ASP B 102 0.29 -30.43 -9.42
C ASP B 102 -0.15 -29.42 -8.34
N PRO B 103 -1.15 -28.59 -8.67
CA PRO B 103 -1.64 -27.58 -7.72
C PRO B 103 -2.09 -28.22 -6.41
N GLU B 104 -2.77 -29.38 -6.51
CA GLU B 104 -3.23 -30.07 -5.31
C GLU B 104 -2.09 -30.43 -4.38
N ILE B 105 -1.18 -31.29 -4.83
CA ILE B 105 -0.06 -31.67 -3.99
C ILE B 105 0.66 -30.42 -3.50
N ALA B 106 0.61 -29.35 -4.28
CA ALA B 106 1.29 -28.10 -3.93
C ALA B 106 0.76 -27.46 -2.65
N LYS B 107 -0.53 -27.64 -2.39
CA LYS B 107 -1.14 -27.07 -1.19
C LYS B 107 -0.76 -27.85 0.06
N THR B 108 -0.33 -29.08 -0.12
CA THR B 108 0.07 -29.95 1.00
C THR B 108 1.56 -29.87 1.30
N LYS B 109 2.30 -29.11 0.50
CA LYS B 109 3.73 -29.00 0.71
C LYS B 109 4.25 -27.59 0.92
N ILE B 110 5.38 -27.50 1.62
CA ILE B 110 6.02 -26.22 1.84
C ILE B 110 7.51 -26.36 1.63
N VAL B 111 8.07 -25.45 0.84
CA VAL B 111 9.50 -25.44 0.59
C VAL B 111 10.06 -24.19 1.23
N TYR B 112 10.80 -24.35 2.31
CA TYR B 112 11.42 -23.21 2.97
C TYR B 112 12.94 -23.41 2.90
N PHE B 113 13.68 -22.31 2.86
CA PHE B 113 15.13 -22.38 2.78
C PHE B 113 15.86 -22.43 4.10
N MET B 114 16.81 -23.35 4.20
CA MET B 114 17.58 -23.54 5.40
C MET B 114 18.84 -22.68 5.42
N THR B 115 19.57 -22.70 4.32
CA THR B 115 20.79 -21.92 4.23
C THR B 115 20.87 -21.19 2.89
N ILE B 116 21.83 -20.28 2.84
CA ILE B 116 22.12 -19.46 1.66
C ILE B 116 23.62 -19.15 1.82
N ASP B 117 24.37 -19.21 0.73
CA ASP B 117 25.80 -18.97 0.83
C ASP B 117 26.35 -18.51 -0.53
N LYS B 118 27.61 -18.10 -0.53
CA LYS B 118 28.29 -17.68 -1.75
C LYS B 118 27.47 -16.65 -2.52
N VAL B 119 26.89 -15.69 -1.81
CA VAL B 119 26.11 -14.68 -2.49
C VAL B 119 27.00 -13.51 -2.87
N LYS B 120 26.94 -13.10 -4.12
CA LYS B 120 27.73 -12.00 -4.62
C LYS B 120 26.90 -11.03 -5.47
N PHE B 121 27.06 -9.75 -5.20
CA PHE B 121 26.35 -8.72 -5.95
C PHE B 121 27.37 -8.02 -6.83
N ARG B 122 27.13 -8.01 -8.13
CA ARG B 122 28.04 -7.40 -9.07
C ARG B 122 27.50 -6.16 -9.75
N ILE B 123 26.21 -6.18 -10.07
CA ILE B 123 25.60 -5.04 -10.77
C ILE B 123 24.24 -4.68 -10.19
N PRO B 124 23.95 -3.38 -10.07
CA PRO B 124 22.66 -2.96 -9.53
C PRO B 124 21.54 -3.21 -10.54
N VAL B 125 20.40 -3.67 -10.06
CA VAL B 125 19.23 -3.93 -10.88
C VAL B 125 18.27 -2.75 -10.71
N THR B 126 17.83 -2.18 -11.82
CA THR B 126 16.93 -1.02 -11.80
C THR B 126 15.70 -1.18 -12.67
N PRO B 127 14.73 -0.27 -12.53
CA PRO B 127 13.51 -0.32 -13.33
C PRO B 127 13.85 -0.40 -14.82
N GLY B 128 13.24 -1.33 -15.54
CA GLY B 128 13.52 -1.48 -16.95
C GLY B 128 14.30 -2.75 -17.21
N ASP B 129 14.83 -3.32 -16.14
CA ASP B 129 15.59 -4.56 -16.22
C ASP B 129 14.70 -5.77 -16.15
N ARG B 130 15.14 -6.82 -16.85
CA ARG B 130 14.47 -8.10 -16.88
C ARG B 130 15.40 -8.98 -16.02
N LEU B 131 15.02 -9.18 -14.76
CA LEU B 131 15.81 -9.97 -13.82
C LEU B 131 15.57 -11.47 -14.06
N GLU B 132 16.51 -12.07 -14.80
CA GLU B 132 16.44 -13.47 -15.16
C GLU B 132 17.21 -14.40 -14.21
N TYR B 133 16.49 -15.38 -13.66
CA TYR B 133 17.07 -16.33 -12.71
C TYR B 133 17.55 -17.62 -13.37
N HIS B 134 18.76 -18.03 -13.02
CA HIS B 134 19.38 -19.25 -13.54
C HIS B 134 19.85 -20.13 -12.39
N LEU B 135 19.07 -21.16 -12.08
CA LEU B 135 19.41 -22.08 -11.00
C LEU B 135 19.53 -23.50 -11.53
N GLU B 136 20.44 -24.26 -10.94
CA GLU B 136 20.65 -25.65 -11.31
C GLU B 136 20.71 -26.45 -10.01
N VAL B 137 20.36 -27.72 -10.08
CA VAL B 137 20.38 -28.59 -8.92
C VAL B 137 21.81 -29.08 -8.69
N LEU B 138 22.49 -28.52 -7.69
CA LEU B 138 23.86 -28.95 -7.38
C LEU B 138 23.81 -30.39 -6.89
N LYS B 139 22.89 -30.65 -5.96
CA LYS B 139 22.69 -31.98 -5.41
C LYS B 139 21.41 -31.98 -4.58
N HIS B 140 20.85 -33.16 -4.40
CA HIS B 140 19.62 -33.31 -3.64
C HIS B 140 19.58 -34.72 -3.08
N LYS B 141 18.99 -34.86 -1.91
CA LYS B 141 18.87 -36.15 -1.24
C LYS B 141 17.58 -36.11 -0.44
N GLY B 142 16.63 -36.98 -0.80
CA GLY B 142 15.36 -37.00 -0.10
C GLY B 142 14.62 -35.70 -0.35
N MET B 143 14.27 -34.99 0.73
CA MET B 143 13.56 -33.72 0.61
C MET B 143 14.48 -32.53 0.74
N ILE B 144 15.79 -32.78 0.76
CA ILE B 144 16.78 -31.72 0.88
C ILE B 144 17.34 -31.43 -0.51
N TRP B 145 17.05 -30.23 -1.03
CA TRP B 145 17.53 -29.84 -2.36
C TRP B 145 18.46 -28.63 -2.32
N GLN B 146 19.61 -28.77 -2.94
CA GLN B 146 20.56 -27.67 -2.98
C GLN B 146 20.67 -27.16 -4.41
N VAL B 147 20.39 -25.88 -4.59
CA VAL B 147 20.43 -25.26 -5.90
C VAL B 147 21.43 -24.11 -5.93
N GLY B 148 21.79 -23.67 -7.13
CA GLY B 148 22.74 -22.58 -7.26
C GLY B 148 22.76 -21.99 -8.65
N GLY B 149 23.29 -20.78 -8.76
CA GLY B 149 23.35 -20.15 -10.06
C GLY B 149 23.51 -18.65 -9.97
N THR B 150 22.91 -17.94 -10.92
CA THR B 150 23.04 -16.49 -10.97
C THR B 150 21.75 -15.80 -11.35
N ALA B 151 21.78 -14.49 -11.25
CA ALA B 151 20.67 -13.64 -11.66
C ALA B 151 21.33 -12.85 -12.78
N GLN B 152 20.67 -12.76 -13.91
CA GLN B 152 21.25 -12.06 -15.06
C GLN B 152 20.34 -11.00 -15.65
N VAL B 153 20.97 -9.97 -16.20
CA VAL B 153 20.25 -8.89 -16.85
C VAL B 153 20.92 -8.72 -18.21
N ASP B 154 20.18 -9.04 -19.26
CA ASP B 154 20.72 -8.90 -20.60
C ASP B 154 22.02 -9.71 -20.78
N GLY B 155 21.97 -11.00 -20.43
CA GLY B 155 23.12 -11.85 -20.58
C GLY B 155 24.27 -11.70 -19.59
N LYS B 156 24.29 -10.62 -18.83
CA LYS B 156 25.36 -10.38 -17.87
C LYS B 156 24.98 -10.86 -16.47
N VAL B 157 25.98 -11.30 -15.71
CA VAL B 157 25.73 -11.78 -14.36
C VAL B 157 25.62 -10.62 -13.38
N VAL B 158 24.46 -10.49 -12.77
CA VAL B 158 24.19 -9.41 -11.83
C VAL B 158 24.40 -9.88 -10.40
N ALA B 159 24.08 -11.15 -10.15
CA ALA B 159 24.25 -11.72 -8.82
C ALA B 159 24.43 -13.23 -8.90
N GLU B 160 24.79 -13.84 -7.78
CA GLU B 160 24.95 -15.27 -7.73
C GLU B 160 24.76 -15.73 -6.30
N ALA B 161 24.31 -16.98 -6.14
CA ALA B 161 24.08 -17.50 -4.82
C ALA B 161 23.79 -19.00 -4.84
N GLU B 162 23.99 -19.63 -3.69
CA GLU B 162 23.70 -21.05 -3.53
C GLU B 162 22.70 -21.11 -2.39
N LEU B 163 21.72 -22.00 -2.53
CA LEU B 163 20.69 -22.14 -1.51
C LEU B 163 20.32 -23.60 -1.27
N LYS B 164 20.00 -23.93 -0.02
CA LYS B 164 19.60 -25.28 0.35
C LYS B 164 18.12 -25.21 0.76
N ALA B 165 17.29 -26.04 0.16
CA ALA B 165 15.88 -26.03 0.48
C ALA B 165 15.45 -27.31 1.16
N MET B 166 14.40 -27.18 1.96
CA MET B 166 13.81 -28.29 2.70
C MET B 166 12.34 -28.37 2.29
N ILE B 167 11.93 -29.50 1.71
CA ILE B 167 10.53 -29.67 1.32
C ILE B 167 9.80 -30.47 2.39
N ALA B 168 8.80 -29.86 3.00
CA ALA B 168 8.03 -30.52 4.05
C ALA B 168 6.51 -30.48 3.82
N GLU B 169 5.77 -31.15 4.70
CA GLU B 169 4.31 -31.20 4.62
C GLU B 169 3.69 -29.96 5.26
N ARG B 170 2.84 -29.24 4.53
CA ARG B 170 2.21 -28.05 5.10
C ARG B 170 1.50 -28.43 6.39
N GLU B 171 1.13 -27.42 7.17
CA GLU B 171 0.48 -27.61 8.48
C GLU B 171 1.59 -27.93 9.45
N GLN C 21 -10.21 33.22 4.87
CA GLN C 21 -11.24 32.74 3.88
C GLN C 21 -12.30 31.94 4.65
N SER C 22 -13.24 31.36 3.92
CA SER C 22 -14.28 30.52 4.51
C SER C 22 -14.25 29.11 3.89
N GLN C 23 -13.80 29.00 2.64
CA GLN C 23 -13.71 27.70 1.98
C GLN C 23 -12.29 27.35 1.54
N PHE C 24 -11.66 26.39 2.23
CA PHE C 24 -10.32 25.97 1.88
C PHE C 24 -10.40 24.59 1.24
N PHE C 25 -9.66 24.42 0.16
CA PHE C 25 -9.65 23.13 -0.52
C PHE C 25 -8.47 22.28 -0.06
N ILE C 26 -8.39 21.07 -0.59
CA ILE C 26 -7.34 20.16 -0.19
C ILE C 26 -5.95 20.76 -0.23
N GLU C 27 -5.70 21.66 -1.17
CA GLU C 27 -4.37 22.26 -1.27
C GLU C 27 -4.06 23.19 -0.12
N HIS C 28 -5.10 23.84 0.42
CA HIS C 28 -4.94 24.75 1.55
C HIS C 28 -4.79 23.93 2.81
N ILE C 29 -5.55 22.84 2.89
CA ILE C 29 -5.51 21.95 4.05
C ILE C 29 -4.12 21.36 4.14
N LEU C 30 -3.55 21.01 2.98
CA LEU C 30 -2.21 20.44 2.94
C LEU C 30 -1.15 21.40 3.46
N GLN C 31 -1.39 22.70 3.30
CA GLN C 31 -0.42 23.69 3.76
C GLN C 31 -0.56 24.02 5.25
N ILE C 32 -1.67 23.60 5.86
CA ILE C 32 -1.86 23.89 7.29
C ILE C 32 -1.65 22.68 8.20
N LEU C 33 -2.26 21.55 7.84
CA LEU C 33 -2.11 20.34 8.64
C LEU C 33 -0.84 19.58 8.22
N PRO C 34 -0.17 18.94 9.19
CA PRO C 34 1.05 18.18 8.90
C PRO C 34 0.69 16.81 8.35
N HIS C 35 -0.50 16.35 8.69
CA HIS C 35 -1.01 15.05 8.27
C HIS C 35 -0.90 14.82 6.76
N ARG C 36 -0.58 13.59 6.39
CA ARG C 36 -0.46 13.20 5.00
C ARG C 36 -1.05 11.81 4.82
N TYR C 37 -1.00 11.28 3.61
CA TYR C 37 -1.53 9.95 3.34
C TYR C 37 -0.78 8.91 4.17
N PRO C 38 -1.50 7.95 4.77
CA PRO C 38 -2.96 7.78 4.73
C PRO C 38 -3.65 8.26 6.01
N MET C 39 -3.24 9.41 6.52
CA MET C 39 -3.84 9.92 7.74
C MET C 39 -4.40 11.35 7.66
N LEU C 40 -4.53 11.88 6.45
CA LEU C 40 -5.11 13.21 6.27
C LEU C 40 -6.58 12.90 6.01
N LEU C 41 -7.41 13.11 7.03
CA LEU C 41 -8.83 12.78 6.93
C LEU C 41 -9.83 13.89 6.73
N VAL C 42 -9.41 14.99 6.12
CA VAL C 42 -10.32 16.08 5.83
C VAL C 42 -10.02 16.54 4.41
N ASP C 43 -11.02 16.44 3.56
CA ASP C 43 -10.87 16.81 2.14
C ASP C 43 -11.15 18.26 1.77
N ARG C 44 -12.06 18.91 2.50
CA ARG C 44 -12.43 20.29 2.16
C ARG C 44 -13.14 21.01 3.34
N ILE C 45 -12.93 22.33 3.44
CA ILE C 45 -13.57 23.11 4.49
C ILE C 45 -14.69 23.93 3.84
N THR C 46 -15.91 23.81 4.35
CA THR C 46 -17.03 24.56 3.77
C THR C 46 -17.41 25.80 4.59
N GLU C 47 -17.20 25.75 5.90
CA GLU C 47 -17.53 26.88 6.78
C GLU C 47 -16.46 27.06 7.87
N LEU C 48 -16.13 28.31 8.18
CA LEU C 48 -15.13 28.58 9.20
C LEU C 48 -15.31 29.94 9.85
N GLN C 49 -15.73 29.94 11.11
CA GLN C 49 -15.90 31.18 11.85
C GLN C 49 -14.88 31.16 12.98
N ALA C 50 -13.82 31.97 12.82
CA ALA C 50 -12.75 32.06 13.80
C ALA C 50 -13.22 32.10 15.26
N ASN C 51 -12.63 31.22 16.07
CA ASN C 51 -12.93 31.11 17.49
C ASN C 51 -14.33 30.56 17.80
N GLN C 52 -15.05 30.08 16.80
CA GLN C 52 -16.38 29.58 17.06
C GLN C 52 -16.70 28.20 16.50
N LYS C 53 -16.78 28.08 15.17
CA LYS C 53 -17.11 26.79 14.58
C LYS C 53 -16.51 26.50 13.21
N ILE C 54 -16.43 25.22 12.89
CA ILE C 54 -15.91 24.79 11.61
C ILE C 54 -16.77 23.68 11.04
N VAL C 55 -16.98 23.73 9.73
CA VAL C 55 -17.73 22.70 9.03
C VAL C 55 -16.86 22.25 7.86
N ALA C 56 -16.63 20.96 7.76
CA ALA C 56 -15.81 20.42 6.70
C ALA C 56 -16.25 18.99 6.45
N TYR C 57 -15.62 18.34 5.49
CA TYR C 57 -15.97 16.95 5.22
C TYR C 57 -14.88 16.16 4.51
N LYS C 58 -15.08 14.85 4.51
CA LYS C 58 -14.18 13.92 3.89
C LYS C 58 -15.10 12.96 3.18
N ASN C 59 -14.80 12.66 1.91
CA ASN C 59 -15.60 11.70 1.19
C ASN C 59 -15.16 10.30 1.57
N ILE C 60 -16.11 9.38 1.53
CA ILE C 60 -15.85 7.98 1.86
C ILE C 60 -16.02 7.17 0.60
N THR C 61 -14.93 6.55 0.14
CA THR C 61 -14.97 5.75 -1.08
C THR C 61 -14.44 4.37 -0.79
N PHE C 62 -14.75 3.41 -1.66
CA PHE C 62 -14.26 2.06 -1.45
C PHE C 62 -12.76 2.00 -1.76
N ASN C 63 -12.30 2.89 -2.65
CA ASN C 63 -10.90 2.94 -3.07
C ASN C 63 -9.92 3.41 -2.00
N GLU C 64 -10.18 3.06 -0.74
CA GLU C 64 -9.30 3.43 0.35
C GLU C 64 -8.75 2.16 0.98
N ASP C 65 -7.49 2.19 1.37
CA ASP C 65 -6.83 1.02 1.95
C ASP C 65 -7.49 0.43 3.21
N VAL C 66 -7.94 1.27 4.14
CA VAL C 66 -8.58 0.77 5.37
C VAL C 66 -9.69 -0.24 5.13
N PHE C 67 -10.39 -0.10 4.00
CA PHE C 67 -11.47 -1.03 3.70
C PHE C 67 -11.00 -2.45 3.37
N ASN C 68 -9.71 -2.62 3.10
CA ASN C 68 -9.19 -3.95 2.80
C ASN C 68 -9.37 -4.85 4.03
N GLY C 69 -9.39 -4.27 5.23
CA GLY C 69 -9.55 -5.07 6.42
C GLY C 69 -10.60 -4.65 7.43
N HIS C 70 -11.46 -3.69 7.08
CA HIS C 70 -12.47 -3.23 8.02
C HIS C 70 -13.82 -2.99 7.34
N PHE C 71 -14.50 -4.07 6.94
CA PHE C 71 -14.03 -5.45 7.08
C PHE C 71 -14.22 -6.11 5.72
N PRO C 72 -13.44 -7.16 5.42
CA PRO C 72 -13.64 -7.79 4.10
C PRO C 72 -15.12 -8.13 3.87
N ASN C 73 -15.64 -7.72 2.71
CA ASN C 73 -17.04 -7.94 2.36
C ASN C 73 -18.03 -7.00 3.05
N LYS C 74 -17.58 -6.34 4.12
CA LYS C 74 -18.44 -5.40 4.84
C LYS C 74 -17.67 -4.11 5.10
N PRO C 75 -17.56 -3.25 4.07
CA PRO C 75 -16.85 -1.97 4.15
C PRO C 75 -17.52 -0.97 5.09
N ILE C 76 -16.86 -0.68 6.21
CA ILE C 76 -17.38 0.25 7.20
C ILE C 76 -16.25 1.16 7.66
N PHE C 77 -16.42 2.46 7.46
CA PHE C 77 -15.39 3.42 7.86
C PHE C 77 -15.24 3.34 9.37
N PRO C 78 -14.03 3.02 9.83
CA PRO C 78 -13.76 2.90 11.27
C PRO C 78 -14.24 4.09 12.12
N GLY C 79 -14.91 3.75 13.22
CA GLY C 79 -15.42 4.78 14.12
C GLY C 79 -14.32 5.68 14.63
N VAL C 80 -13.18 5.09 15.03
CA VAL C 80 -12.07 5.89 15.53
C VAL C 80 -11.54 6.87 14.49
N LEU C 81 -11.71 6.55 13.21
CA LEU C 81 -11.23 7.44 12.17
C LEU C 81 -12.17 8.62 11.94
N ILE C 82 -13.43 8.46 12.34
CA ILE C 82 -14.40 9.56 12.22
C ILE C 82 -13.97 10.59 13.27
N VAL C 83 -13.59 10.10 14.44
CA VAL C 83 -13.15 10.95 15.55
C VAL C 83 -11.86 11.69 15.16
N GLU C 84 -10.98 10.99 14.43
CA GLU C 84 -9.73 11.56 13.99
C GLU C 84 -9.98 12.70 13.03
N GLY C 85 -10.93 12.49 12.12
CA GLY C 85 -11.27 13.53 11.15
C GLY C 85 -11.93 14.69 11.86
N MET C 86 -12.58 14.40 12.98
CA MET C 86 -13.24 15.44 13.75
C MET C 86 -12.16 16.22 14.48
N ALA C 87 -11.19 15.52 15.04
CA ALA C 87 -10.07 16.16 15.75
C ALA C 87 -9.26 17.01 14.78
N GLN C 88 -9.09 16.51 13.56
CA GLN C 88 -8.33 17.24 12.56
C GLN C 88 -9.01 18.55 12.18
N SER C 89 -10.34 18.55 12.14
CA SER C 89 -11.08 19.76 11.84
C SER C 89 -10.87 20.75 12.99
N GLY C 90 -10.97 20.24 14.23
CA GLY C 90 -10.77 21.07 15.39
C GLY C 90 -9.41 21.74 15.31
N GLY C 91 -8.39 20.92 15.05
CA GLY C 91 -7.05 21.46 14.92
C GLY C 91 -6.97 22.58 13.89
N PHE C 92 -7.67 22.42 12.77
CA PHE C 92 -7.68 23.44 11.73
C PHE C 92 -8.35 24.72 12.25
N LEU C 93 -9.48 24.55 12.91
CA LEU C 93 -10.22 25.68 13.45
C LEU C 93 -9.31 26.45 14.42
N ALA C 94 -8.80 25.75 15.42
CA ALA C 94 -7.92 26.35 16.41
C ALA C 94 -6.77 27.09 15.72
N PHE C 95 -6.00 26.39 14.90
CA PHE C 95 -4.88 27.04 14.24
C PHE C 95 -5.26 28.28 13.42
N THR C 96 -6.26 28.18 12.56
CA THR C 96 -6.65 29.32 11.75
C THR C 96 -7.17 30.47 12.62
N SER C 97 -7.77 30.14 13.76
CA SER C 97 -8.28 31.17 14.67
C SER C 97 -7.14 32.02 15.22
N LEU C 98 -6.01 31.38 15.48
CA LEU C 98 -4.84 32.03 16.06
C LEU C 98 -3.95 32.81 15.09
N TRP C 99 -3.70 32.24 13.91
CA TRP C 99 -2.82 32.86 12.92
C TRP C 99 -3.39 32.99 11.49
N GLY C 100 -4.59 32.48 11.29
CA GLY C 100 -5.19 32.55 9.96
C GLY C 100 -4.55 31.55 9.02
N PHE C 101 -4.73 31.72 7.72
CA PHE C 101 -4.14 30.81 6.75
C PHE C 101 -2.67 31.20 6.60
N ASP C 102 -1.82 30.64 7.45
CA ASP C 102 -0.39 30.93 7.42
C ASP C 102 0.42 29.63 7.38
N PRO C 103 0.78 29.14 6.18
CA PRO C 103 1.55 27.90 6.03
C PRO C 103 2.94 27.95 6.68
N GLU C 104 3.53 29.13 6.70
CA GLU C 104 4.87 29.32 7.28
C GLU C 104 4.87 29.11 8.80
N ILE C 105 3.88 29.68 9.49
CA ILE C 105 3.78 29.54 10.93
C ILE C 105 3.25 28.14 11.24
N ALA C 106 2.44 27.63 10.33
CA ALA C 106 1.86 26.29 10.48
C ALA C 106 2.92 25.21 10.70
N LYS C 107 4.05 25.35 9.99
CA LYS C 107 5.15 24.38 10.10
C LYS C 107 5.84 24.36 11.44
N THR C 108 5.59 25.38 12.26
CA THR C 108 6.24 25.46 13.56
C THR C 108 5.34 25.09 14.74
N LYS C 109 4.11 24.68 14.44
CA LYS C 109 3.16 24.33 15.48
C LYS C 109 2.73 22.87 15.55
N ILE C 110 2.32 22.47 16.74
CA ILE C 110 1.84 21.12 17.01
C ILE C 110 0.49 21.23 17.70
N VAL C 111 -0.49 20.44 17.29
CA VAL C 111 -1.77 20.43 17.98
C VAL C 111 -1.86 19.03 18.57
N TYR C 112 -1.38 18.89 19.80
CA TYR C 112 -1.37 17.62 20.51
C TYR C 112 -2.72 17.40 21.19
N PHE C 113 -3.39 16.31 20.85
CA PHE C 113 -4.70 16.02 21.44
C PHE C 113 -4.55 15.27 22.77
N MET C 114 -5.06 15.88 23.82
CA MET C 114 -4.97 15.34 25.16
C MET C 114 -6.06 14.37 25.58
N THR C 115 -7.32 14.71 25.30
CA THR C 115 -8.44 13.84 25.69
C THR C 115 -9.57 13.75 24.66
N ILE C 116 -10.39 12.73 24.84
CA ILE C 116 -11.55 12.48 24.00
C ILE C 116 -12.62 11.96 24.94
N ASP C 117 -13.79 12.57 24.92
CA ASP C 117 -14.88 12.15 25.80
C ASP C 117 -16.23 12.10 25.12
N LYS C 118 -17.16 11.41 25.77
CA LYS C 118 -18.53 11.29 25.27
C LYS C 118 -18.65 11.10 23.77
N VAL C 119 -18.18 9.97 23.28
CA VAL C 119 -18.26 9.66 21.88
C VAL C 119 -19.37 8.64 21.69
N LYS C 120 -20.27 8.93 20.77
CA LYS C 120 -21.37 8.01 20.48
C LYS C 120 -21.47 7.78 18.98
N PHE C 121 -21.62 6.53 18.58
CA PHE C 121 -21.75 6.19 17.17
C PHE C 121 -23.18 5.73 16.96
N ARG C 122 -23.92 6.49 16.14
CA ARG C 122 -25.31 6.20 15.88
C ARG C 122 -25.58 5.44 14.58
N ILE C 123 -24.89 5.82 13.51
CA ILE C 123 -25.05 5.20 12.20
C ILE C 123 -23.72 4.88 11.53
N PRO C 124 -23.58 3.67 10.96
CA PRO C 124 -22.31 3.33 10.30
C PRO C 124 -22.08 4.18 9.04
N VAL C 125 -20.83 4.53 8.78
CA VAL C 125 -20.43 5.32 7.61
C VAL C 125 -19.83 4.35 6.60
N THR C 126 -20.28 4.44 5.34
CA THR C 126 -19.83 3.51 4.31
C THR C 126 -19.44 4.15 2.96
N PRO C 127 -18.77 3.38 2.10
CA PRO C 127 -18.39 3.93 0.79
C PRO C 127 -19.59 4.63 0.13
N GLY C 128 -19.38 5.86 -0.33
CA GLY C 128 -20.46 6.60 -0.96
C GLY C 128 -21.01 7.70 -0.04
N ASP C 129 -20.59 7.67 1.22
CA ASP C 129 -21.04 8.68 2.19
C ASP C 129 -20.15 9.90 2.19
N ARG C 130 -20.76 11.05 2.51
CA ARG C 130 -20.06 12.31 2.60
C ARG C 130 -20.07 12.61 4.10
N LEU C 131 -18.95 12.34 4.77
CA LEU C 131 -18.82 12.54 6.20
C LEU C 131 -18.56 14.01 6.55
N GLU C 132 -19.59 14.69 7.04
CA GLU C 132 -19.48 16.10 7.38
C GLU C 132 -19.17 16.32 8.86
N TYR C 133 -18.06 16.98 9.13
CA TYR C 133 -17.65 17.24 10.51
C TYR C 133 -18.17 18.60 10.93
N HIS C 134 -18.80 18.64 12.11
CA HIS C 134 -19.33 19.89 12.66
C HIS C 134 -18.73 20.08 14.05
N LEU C 135 -17.76 20.99 14.16
CA LEU C 135 -17.15 21.26 15.45
C LEU C 135 -17.24 22.73 15.86
N GLU C 136 -17.30 22.95 17.18
CA GLU C 136 -17.39 24.29 17.73
C GLU C 136 -16.45 24.37 18.93
N VAL C 137 -16.04 25.58 19.28
CA VAL C 137 -15.16 25.78 20.42
C VAL C 137 -15.98 25.77 21.71
N LEU C 138 -15.72 24.80 22.58
CA LEU C 138 -16.44 24.71 23.83
C LEU C 138 -15.72 25.52 24.90
N LYS C 139 -14.41 25.67 24.75
CA LYS C 139 -13.63 26.40 25.74
C LYS C 139 -12.21 26.62 25.23
N HIS C 140 -11.69 27.82 25.44
CA HIS C 140 -10.34 28.15 25.02
C HIS C 140 -9.65 28.93 26.12
N LYS C 141 -8.61 28.33 26.71
CA LYS C 141 -7.86 28.97 27.76
C LYS C 141 -6.36 28.76 27.56
N GLY C 142 -5.71 29.79 27.04
CA GLY C 142 -4.29 29.70 26.81
C GLY C 142 -3.98 28.83 25.62
N MET C 143 -3.19 27.78 25.85
CA MET C 143 -2.81 26.86 24.79
C MET C 143 -3.76 25.67 24.67
N ILE C 144 -4.69 25.54 25.62
CA ILE C 144 -5.64 24.44 25.62
C ILE C 144 -6.98 24.78 24.95
N TRP C 145 -7.39 23.95 24.00
CA TRP C 145 -8.65 24.14 23.30
C TRP C 145 -9.54 22.91 23.45
N GLN C 146 -10.81 23.14 23.75
CA GLN C 146 -11.75 22.04 23.88
C GLN C 146 -12.85 22.24 22.86
N VAL C 147 -12.91 21.34 21.88
CA VAL C 147 -13.90 21.41 20.83
C VAL C 147 -14.87 20.23 20.94
N GLY C 148 -16.03 20.37 20.32
CA GLY C 148 -17.01 19.31 20.37
C GLY C 148 -18.01 19.46 19.25
N GLY C 149 -18.70 18.37 18.91
CA GLY C 149 -19.68 18.45 17.85
C GLY C 149 -20.16 17.11 17.34
N THR C 150 -20.44 17.07 16.05
CA THR C 150 -20.95 15.85 15.43
C THR C 150 -20.37 15.58 14.06
N ALA C 151 -20.65 14.38 13.57
CA ALA C 151 -20.24 13.97 12.23
C ALA C 151 -21.61 13.73 11.61
N GLN C 152 -21.82 14.18 10.39
CA GLN C 152 -23.12 14.01 9.75
C GLN C 152 -23.07 13.51 8.30
N VAL C 153 -23.99 12.61 7.97
CA VAL C 153 -24.12 12.10 6.62
C VAL C 153 -25.55 12.46 6.25
N ASP C 154 -25.68 13.23 5.16
CA ASP C 154 -26.98 13.69 4.69
C ASP C 154 -27.90 14.25 5.79
N GLY C 155 -27.39 15.21 6.56
CA GLY C 155 -28.18 15.83 7.60
C GLY C 155 -28.37 15.05 8.89
N LYS C 156 -28.11 13.75 8.88
CA LYS C 156 -28.26 12.93 10.08
C LYS C 156 -26.98 12.75 10.87
N VAL C 157 -27.06 12.93 12.19
CA VAL C 157 -25.91 12.75 13.07
C VAL C 157 -25.53 11.27 13.12
N VAL C 158 -24.29 10.95 12.77
CA VAL C 158 -23.85 9.56 12.78
C VAL C 158 -22.88 9.32 13.92
N ALA C 159 -22.32 10.40 14.46
CA ALA C 159 -21.39 10.31 15.57
C ALA C 159 -21.28 11.66 16.26
N GLU C 160 -20.83 11.63 17.50
CA GLU C 160 -20.62 12.85 18.27
C GLU C 160 -19.43 12.63 19.20
N ALA C 161 -18.81 13.72 19.62
CA ALA C 161 -17.67 13.61 20.51
C ALA C 161 -17.16 14.96 20.98
N GLU C 162 -16.32 14.91 22.01
CA GLU C 162 -15.70 16.07 22.58
C GLU C 162 -14.21 15.80 22.60
N LEU C 163 -13.42 16.83 22.32
CA LEU C 163 -11.99 16.70 22.25
C LEU C 163 -11.29 17.91 22.85
N LYS C 164 -10.14 17.68 23.47
CA LYS C 164 -9.36 18.73 24.08
C LYS C 164 -7.98 18.62 23.47
N ALA C 165 -7.45 19.74 23.01
CA ALA C 165 -6.14 19.76 22.40
C ALA C 165 -5.26 20.85 22.97
N MET C 166 -3.95 20.67 22.83
CA MET C 166 -3.02 21.67 23.30
C MET C 166 -2.22 22.19 22.11
N ILE C 167 -2.04 23.50 22.06
CA ILE C 167 -1.27 24.13 20.99
C ILE C 167 0.13 24.29 21.53
N ALA C 168 1.13 24.05 20.69
CA ALA C 168 2.53 24.19 21.12
C ALA C 168 3.49 24.32 19.95
N GLU C 169 4.78 24.39 20.28
CA GLU C 169 5.82 24.55 19.28
C GLU C 169 6.42 23.21 18.84
N ARG C 170 6.48 23.00 17.53
CA ARG C 170 7.06 21.76 16.98
C ARG C 170 8.55 21.78 17.32
N GLU C 171 9.27 20.71 16.98
CA GLU C 171 10.70 20.65 17.27
C GLU C 171 11.41 19.50 16.56
N LEU D 20 -10.33 -23.23 27.44
CA LEU D 20 -9.96 -21.95 26.74
C LEU D 20 -8.54 -21.51 27.08
N GLN D 21 -7.66 -21.49 26.08
CA GLN D 21 -6.27 -21.08 26.31
C GLN D 21 -6.22 -19.74 27.04
N SER D 22 -5.00 -19.29 27.33
CA SER D 22 -4.82 -17.99 27.98
C SER D 22 -3.82 -17.16 27.19
N GLN D 23 -3.19 -17.80 26.20
CA GLN D 23 -2.24 -17.11 25.34
C GLN D 23 -2.48 -17.56 23.90
N PHE D 24 -2.86 -16.62 23.04
CA PHE D 24 -3.13 -16.90 21.65
C PHE D 24 -2.22 -16.07 20.77
N PHE D 25 -1.79 -16.65 19.66
CA PHE D 25 -0.91 -15.94 18.74
C PHE D 25 -1.67 -15.37 17.55
N ILE D 26 -0.97 -14.70 16.64
CA ILE D 26 -1.62 -14.08 15.49
C ILE D 26 -2.54 -15.03 14.71
N GLU D 27 -2.12 -16.28 14.56
CA GLU D 27 -2.91 -17.29 13.84
C GLU D 27 -4.28 -17.52 14.51
N HIS D 28 -4.31 -17.43 15.83
CA HIS D 28 -5.56 -17.63 16.57
C HIS D 28 -6.40 -16.36 16.45
N ILE D 29 -5.75 -15.20 16.55
CA ILE D 29 -6.46 -13.94 16.42
C ILE D 29 -7.15 -13.86 15.06
N LEU D 30 -6.42 -14.21 13.99
CA LEU D 30 -7.00 -14.19 12.64
C LEU D 30 -8.27 -15.04 12.58
N GLN D 31 -8.31 -16.12 13.36
CA GLN D 31 -9.47 -17.01 13.35
C GLN D 31 -10.63 -16.49 14.18
N ILE D 32 -10.35 -15.53 15.06
CA ILE D 32 -11.38 -14.98 15.92
C ILE D 32 -11.89 -13.62 15.46
N LEU D 33 -11.02 -12.60 15.47
CA LEU D 33 -11.44 -11.27 15.06
C LEU D 33 -11.64 -11.23 13.55
N PRO D 34 -12.53 -10.34 13.08
CA PRO D 34 -12.85 -10.16 11.67
C PRO D 34 -11.94 -9.15 10.98
N HIS D 35 -11.20 -8.39 11.78
CA HIS D 35 -10.29 -7.37 11.27
C HIS D 35 -9.12 -7.92 10.47
N ARG D 36 -8.76 -7.20 9.42
CA ARG D 36 -7.65 -7.56 8.57
C ARG D 36 -6.77 -6.34 8.31
N TYR D 37 -5.70 -6.54 7.55
CA TYR D 37 -4.78 -5.46 7.22
C TYR D 37 -5.52 -4.40 6.42
N PRO D 38 -5.28 -3.11 6.71
CA PRO D 38 -4.37 -2.59 7.72
C PRO D 38 -5.11 -2.12 8.98
N MET D 39 -6.07 -2.92 9.43
CA MET D 39 -6.87 -2.57 10.60
C MET D 39 -6.90 -3.60 11.71
N LEU D 40 -6.09 -4.64 11.62
CA LEU D 40 -6.01 -5.65 12.66
C LEU D 40 -4.81 -5.19 13.49
N LEU D 41 -5.11 -4.54 14.62
CA LEU D 41 -4.05 -3.97 15.45
C LEU D 41 -3.77 -4.68 16.76
N VAL D 42 -3.80 -6.01 16.70
CA VAL D 42 -3.50 -6.83 17.87
C VAL D 42 -2.67 -8.00 17.36
N ASP D 43 -1.45 -8.14 17.89
CA ASP D 43 -0.55 -9.20 17.45
C ASP D 43 -0.54 -10.47 18.29
N ARG D 44 -0.72 -10.33 19.60
CA ARG D 44 -0.65 -11.50 20.47
C ARG D 44 -1.45 -11.28 21.76
N ILE D 45 -2.03 -12.36 22.28
CA ILE D 45 -2.80 -12.32 23.52
C ILE D 45 -1.92 -12.97 24.59
N THR D 46 -1.66 -12.24 25.67
CA THR D 46 -0.79 -12.77 26.73
C THR D 46 -1.53 -13.32 27.94
N GLU D 47 -2.63 -12.69 28.32
CA GLU D 47 -3.39 -13.16 29.47
C GLU D 47 -4.87 -12.96 29.16
N LEU D 48 -5.67 -13.96 29.48
CA LEU D 48 -7.11 -13.88 29.24
C LEU D 48 -7.93 -14.61 30.30
N GLN D 49 -8.93 -13.91 30.84
CA GLN D 49 -9.80 -14.49 31.87
C GLN D 49 -11.25 -14.19 31.50
N ALA D 50 -11.93 -15.22 31.00
CA ALA D 50 -13.31 -15.11 30.55
C ALA D 50 -14.21 -14.15 31.37
N ASN D 51 -14.91 -13.28 30.64
CA ASN D 51 -15.83 -12.30 31.22
C ASN D 51 -15.23 -11.34 32.24
N GLN D 52 -13.91 -11.30 32.34
CA GLN D 52 -13.28 -10.43 33.31
C GLN D 52 -12.19 -9.50 32.80
N LYS D 53 -11.14 -10.07 32.22
CA LYS D 53 -10.05 -9.24 31.74
C LYS D 53 -9.13 -9.88 30.71
N ILE D 54 -8.36 -9.02 30.05
CA ILE D 54 -7.45 -9.48 29.03
C ILE D 54 -6.22 -8.58 28.91
N VAL D 55 -5.09 -9.20 28.57
CA VAL D 55 -3.84 -8.48 28.37
C VAL D 55 -3.32 -8.95 27.01
N ALA D 56 -3.00 -8.00 26.14
CA ALA D 56 -2.51 -8.32 24.82
C ALA D 56 -1.56 -7.19 24.39
N TYR D 57 -1.02 -7.27 23.19
CA TYR D 57 -0.14 -6.20 22.74
C TYR D 57 0.03 -6.17 21.24
N LYS D 58 0.42 -5.00 20.74
CA LYS D 58 0.68 -4.82 19.33
C LYS D 58 2.07 -4.21 19.21
N ASN D 59 2.93 -4.85 18.42
CA ASN D 59 4.27 -4.34 18.21
C ASN D 59 4.19 -3.15 17.27
N ILE D 60 4.93 -2.10 17.58
CA ILE D 60 4.95 -0.90 16.76
C ILE D 60 6.26 -0.84 16.01
N THR D 61 6.17 -0.86 14.68
CA THR D 61 7.36 -0.80 13.85
C THR D 61 7.26 0.35 12.85
N PHE D 62 8.41 0.84 12.39
CA PHE D 62 8.43 1.91 11.43
C PHE D 62 7.88 1.42 10.11
N ASN D 63 8.04 0.13 9.85
CA ASN D 63 7.57 -0.46 8.61
C ASN D 63 6.05 -0.60 8.50
N GLU D 64 5.33 0.45 8.89
CA GLU D 64 3.87 0.47 8.82
C GLU D 64 3.42 1.67 7.99
N ASP D 65 2.56 1.40 7.00
CA ASP D 65 2.07 2.44 6.10
C ASP D 65 1.52 3.67 6.81
N VAL D 66 0.82 3.47 7.92
CA VAL D 66 0.26 4.59 8.65
C VAL D 66 1.28 5.68 9.00
N PHE D 67 2.54 5.31 9.21
CA PHE D 67 3.57 6.28 9.54
C PHE D 67 3.96 7.19 8.37
N ASN D 68 3.66 6.76 7.15
CA ASN D 68 3.96 7.59 5.98
C ASN D 68 3.32 8.98 6.13
N GLY D 69 2.17 9.03 6.79
CA GLY D 69 1.49 10.31 6.95
C GLY D 69 1.25 10.82 8.35
N HIS D 70 1.76 10.12 9.36
CA HIS D 70 1.54 10.55 10.73
C HIS D 70 2.76 10.44 11.63
N PHE D 71 3.77 11.28 11.41
CA PHE D 71 3.79 12.29 10.36
C PHE D 71 5.16 12.17 9.69
N PRO D 72 5.31 12.73 8.49
CA PRO D 72 6.63 12.61 7.85
C PRO D 72 7.74 13.17 8.73
N ASN D 73 8.84 12.43 8.82
CA ASN D 73 10.00 12.82 9.61
C ASN D 73 9.80 12.80 11.11
N LYS D 74 8.78 12.08 11.58
CA LYS D 74 8.51 11.96 13.01
C LYS D 74 7.33 11.02 13.22
N PRO D 75 7.59 9.70 13.14
CA PRO D 75 6.57 8.67 13.32
C PRO D 75 5.94 8.60 14.70
N ILE D 76 4.62 8.71 14.73
CA ILE D 76 3.87 8.64 15.98
C ILE D 76 2.62 7.80 15.74
N PHE D 77 2.46 6.74 16.54
CA PHE D 77 1.31 5.87 16.39
C PHE D 77 0.11 6.67 16.84
N PRO D 78 -0.88 6.87 15.94
CA PRO D 78 -2.10 7.62 16.22
C PRO D 78 -2.85 7.18 17.47
N GLY D 79 -3.09 8.14 18.36
CA GLY D 79 -3.82 7.86 19.59
C GLY D 79 -5.11 7.12 19.34
N VAL D 80 -5.88 7.56 18.34
CA VAL D 80 -7.14 6.92 17.99
C VAL D 80 -6.92 5.45 17.61
N LEU D 81 -5.76 5.12 17.07
CA LEU D 81 -5.50 3.73 16.72
C LEU D 81 -5.14 2.95 17.97
N ILE D 82 -4.60 3.65 18.97
CA ILE D 82 -4.27 2.99 20.24
C ILE D 82 -5.61 2.57 20.85
N VAL D 83 -6.63 3.41 20.67
CA VAL D 83 -7.95 3.10 21.20
C VAL D 83 -8.55 1.97 20.40
N GLU D 84 -8.36 2.01 19.08
CA GLU D 84 -8.88 0.95 18.23
C GLU D 84 -8.29 -0.38 18.70
N GLY D 85 -7.00 -0.38 18.98
CA GLY D 85 -6.34 -1.59 19.44
C GLY D 85 -6.93 -2.11 20.72
N MET D 86 -7.28 -1.20 21.63
CA MET D 86 -7.87 -1.58 22.91
C MET D 86 -9.23 -2.22 22.68
N ALA D 87 -9.99 -1.68 21.72
CA ALA D 87 -11.30 -2.22 21.39
C ALA D 87 -11.22 -3.65 20.87
N GLN D 88 -10.29 -3.90 19.94
CA GLN D 88 -10.11 -5.24 19.37
C GLN D 88 -9.72 -6.25 20.42
N SER D 89 -8.96 -5.83 21.44
CA SER D 89 -8.56 -6.75 22.50
C SER D 89 -9.82 -7.13 23.28
N GLY D 90 -10.64 -6.11 23.56
CA GLY D 90 -11.87 -6.34 24.28
C GLY D 90 -12.80 -7.20 23.46
N GLY D 91 -12.77 -7.00 22.16
CA GLY D 91 -13.60 -7.80 21.28
C GLY D 91 -13.17 -9.25 21.29
N PHE D 92 -11.87 -9.47 21.42
CA PHE D 92 -11.37 -10.84 21.44
C PHE D 92 -11.82 -11.53 22.74
N LEU D 93 -11.85 -10.76 23.81
CA LEU D 93 -12.28 -11.25 25.11
C LEU D 93 -13.76 -11.60 25.05
N ALA D 94 -14.56 -10.62 24.65
CA ALA D 94 -15.99 -10.78 24.53
C ALA D 94 -16.37 -12.07 23.82
N PHE D 95 -15.80 -12.28 22.64
CA PHE D 95 -16.11 -13.47 21.85
C PHE D 95 -15.67 -14.78 22.45
N THR D 96 -14.42 -14.90 22.88
CA THR D 96 -13.99 -16.17 23.46
C THR D 96 -14.78 -16.43 24.74
N SER D 97 -15.24 -15.36 25.38
CA SER D 97 -16.01 -15.47 26.61
C SER D 97 -17.36 -16.13 26.34
N LEU D 98 -18.04 -15.70 25.29
CA LEU D 98 -19.35 -16.24 24.97
C LEU D 98 -19.34 -17.51 24.12
N TRP D 99 -18.28 -17.72 23.35
CA TRP D 99 -18.21 -18.90 22.49
C TRP D 99 -16.91 -19.67 22.52
N GLY D 100 -15.94 -19.22 23.31
CA GLY D 100 -14.66 -19.89 23.37
C GLY D 100 -13.98 -19.74 22.02
N PHE D 101 -12.89 -20.48 21.79
CA PHE D 101 -12.20 -20.40 20.50
C PHE D 101 -13.05 -21.15 19.48
N ASP D 102 -13.88 -20.41 18.74
CA ASP D 102 -14.78 -21.01 17.75
C ASP D 102 -14.74 -20.20 16.46
N PRO D 103 -13.84 -20.56 15.53
CA PRO D 103 -13.75 -19.82 14.27
C PRO D 103 -15.01 -19.89 13.40
N GLU D 104 -15.70 -21.02 13.40
CA GLU D 104 -16.91 -21.14 12.58
C GLU D 104 -17.95 -20.09 12.96
N ILE D 105 -18.21 -19.91 14.24
CA ILE D 105 -19.19 -18.90 14.63
C ILE D 105 -18.65 -17.50 14.46
N ALA D 106 -17.37 -17.31 14.77
CA ALA D 106 -16.72 -16.00 14.65
C ALA D 106 -16.78 -15.44 13.23
N LYS D 107 -16.54 -16.30 12.24
CA LYS D 107 -16.55 -15.88 10.84
C LYS D 107 -17.85 -15.16 10.43
N THR D 108 -18.93 -15.42 11.18
CA THR D 108 -20.22 -14.82 10.87
C THR D 108 -20.48 -13.49 11.56
N LYS D 109 -19.45 -12.86 12.11
CA LYS D 109 -19.69 -11.61 12.82
C LYS D 109 -18.66 -10.51 12.64
N ILE D 110 -19.02 -9.34 13.16
CA ILE D 110 -18.15 -8.18 13.16
C ILE D 110 -18.35 -7.48 14.51
N VAL D 111 -17.42 -6.60 14.85
CA VAL D 111 -17.48 -5.88 16.11
C VAL D 111 -17.96 -4.48 15.75
N TYR D 112 -18.78 -3.89 16.62
CA TYR D 112 -19.36 -2.59 16.35
C TYR D 112 -19.08 -1.64 17.53
N PHE D 113 -18.42 -0.52 17.25
CA PHE D 113 -18.11 0.50 18.26
C PHE D 113 -19.39 1.27 18.56
N MET D 114 -19.75 1.38 19.83
CA MET D 114 -20.96 2.12 20.22
C MET D 114 -20.61 3.45 20.87
N THR D 115 -19.72 3.40 21.86
CA THR D 115 -19.30 4.63 22.53
C THR D 115 -17.86 4.57 23.02
N ILE D 116 -17.28 5.75 23.22
CA ILE D 116 -15.92 5.88 23.72
C ILE D 116 -15.96 7.00 24.74
N ASP D 117 -15.31 6.78 25.88
CA ASP D 117 -15.30 7.75 26.96
C ASP D 117 -14.00 7.77 27.75
N LYS D 118 -13.75 8.89 28.42
CA LYS D 118 -12.59 9.06 29.28
C LYS D 118 -11.25 8.60 28.71
N VAL D 119 -10.97 8.92 27.46
CA VAL D 119 -9.69 8.54 26.89
C VAL D 119 -8.70 9.68 27.12
N LYS D 120 -7.52 9.31 27.61
CA LYS D 120 -6.46 10.28 27.90
C LYS D 120 -5.19 9.78 27.21
N PHE D 121 -4.51 10.68 26.51
CA PHE D 121 -3.26 10.32 25.84
C PHE D 121 -2.12 10.95 26.63
N ARG D 122 -1.41 10.14 27.40
CA ARG D 122 -0.33 10.64 28.24
C ARG D 122 1.07 10.61 27.63
N ILE D 123 1.40 9.54 26.91
CA ILE D 123 2.73 9.40 26.32
C ILE D 123 2.69 8.99 24.85
N PRO D 124 3.38 9.73 23.99
CA PRO D 124 3.38 9.37 22.58
C PRO D 124 4.00 7.99 22.34
N VAL D 125 3.42 7.23 21.40
CA VAL D 125 3.88 5.89 21.07
C VAL D 125 4.63 5.89 19.73
N THR D 126 5.86 5.40 19.74
CA THR D 126 6.72 5.39 18.56
C THR D 126 7.24 4.02 18.13
N PRO D 127 7.82 3.95 16.92
CA PRO D 127 8.38 2.69 16.41
C PRO D 127 9.38 2.17 17.45
N GLY D 128 9.34 0.86 17.69
CA GLY D 128 10.23 0.27 18.67
C GLY D 128 9.47 -0.02 19.97
N ASP D 129 8.27 0.54 20.09
CA ASP D 129 7.44 0.33 21.28
C ASP D 129 6.58 -0.93 21.19
N ARG D 130 6.41 -1.58 22.32
CA ARG D 130 5.55 -2.75 22.44
C ARG D 130 4.33 -2.18 23.15
N LEU D 131 3.27 -1.93 22.40
CA LEU D 131 2.03 -1.35 22.94
C LEU D 131 1.19 -2.42 23.61
N GLU D 132 1.12 -2.35 24.93
CA GLU D 132 0.38 -3.32 25.73
C GLU D 132 -1.03 -2.87 26.06
N TYR D 133 -2.01 -3.74 25.79
CA TYR D 133 -3.41 -3.45 26.05
C TYR D 133 -3.87 -4.13 27.35
N HIS D 134 -4.43 -3.34 28.27
CA HIS D 134 -4.94 -3.87 29.53
C HIS D 134 -6.42 -3.50 29.66
N LEU D 135 -7.31 -4.48 29.53
CA LEU D 135 -8.72 -4.19 29.65
C LEU D 135 -9.46 -5.11 30.61
N GLU D 136 -10.48 -4.56 31.26
CA GLU D 136 -11.29 -5.34 32.18
C GLU D 136 -12.75 -5.10 31.83
N VAL D 137 -13.58 -6.11 32.05
CA VAL D 137 -15.00 -6.01 31.74
C VAL D 137 -15.75 -5.20 32.81
N LEU D 138 -16.16 -3.99 32.44
CA LEU D 138 -16.90 -3.13 33.34
C LEU D 138 -18.34 -3.62 33.39
N LYS D 139 -18.86 -4.02 32.23
CA LYS D 139 -20.23 -4.52 32.12
C LYS D 139 -20.46 -5.23 30.79
N HIS D 140 -21.29 -6.27 30.82
CA HIS D 140 -21.61 -7.01 29.60
C HIS D 140 -22.96 -7.73 29.69
N LYS D 141 -23.72 -7.66 28.61
CA LYS D 141 -25.03 -8.31 28.53
C LYS D 141 -25.26 -8.76 27.09
N GLY D 142 -25.25 -10.06 26.86
CA GLY D 142 -25.46 -10.57 25.52
C GLY D 142 -24.31 -10.20 24.61
N MET D 143 -24.61 -9.47 23.53
CA MET D 143 -23.58 -9.05 22.56
C MET D 143 -22.99 -7.69 22.92
N ILE D 144 -23.55 -7.03 23.93
CA ILE D 144 -23.07 -5.71 24.36
C ILE D 144 -21.96 -5.78 25.41
N TRP D 145 -20.78 -5.28 25.09
CA TRP D 145 -19.68 -5.31 26.04
C TRP D 145 -19.07 -3.96 26.34
N GLN D 146 -18.84 -3.71 27.63
CA GLN D 146 -18.27 -2.45 28.06
C GLN D 146 -16.97 -2.71 28.81
N VAL D 147 -15.86 -2.33 28.19
CA VAL D 147 -14.54 -2.55 28.79
C VAL D 147 -13.82 -1.23 29.08
N GLY D 148 -12.82 -1.29 29.95
CA GLY D 148 -12.05 -0.12 30.30
C GLY D 148 -10.66 -0.50 30.74
N GLY D 149 -9.70 0.39 30.52
CA GLY D 149 -8.35 0.07 30.91
C GLY D 149 -7.30 1.06 30.42
N THR D 150 -6.11 0.53 30.15
CA THR D 150 -5.00 1.34 29.69
C THR D 150 -4.17 0.67 28.60
N ALA D 151 -3.28 1.46 28.00
CA ALA D 151 -2.35 1.01 26.97
C ALA D 151 -1.03 1.28 27.66
N GLN D 152 -0.12 0.31 27.64
CA GLN D 152 1.16 0.50 28.33
C GLN D 152 2.39 0.16 27.51
N VAL D 153 3.43 0.95 27.74
CA VAL D 153 4.72 0.75 27.10
C VAL D 153 5.75 0.70 28.22
N ASP D 154 6.45 -0.42 28.31
CA ASP D 154 7.46 -0.61 29.33
C ASP D 154 6.91 -0.26 30.73
N GLY D 155 5.72 -0.76 31.04
CA GLY D 155 5.13 -0.50 32.36
C GLY D 155 4.51 0.86 32.68
N LYS D 156 4.72 1.86 31.81
CA LYS D 156 4.14 3.20 32.03
C LYS D 156 2.84 3.29 31.24
N VAL D 157 1.88 4.04 31.76
CA VAL D 157 0.60 4.23 31.07
C VAL D 157 0.74 5.33 30.03
N VAL D 158 0.52 4.99 28.76
CA VAL D 158 0.63 5.97 27.70
C VAL D 158 -0.76 6.44 27.30
N ALA D 159 -1.78 5.65 27.65
CA ALA D 159 -3.15 5.98 27.32
C ALA D 159 -4.17 5.23 28.17
N GLU D 160 -5.32 5.86 28.37
CA GLU D 160 -6.43 5.31 29.14
C GLU D 160 -7.69 5.48 28.31
N ALA D 161 -8.67 4.61 28.51
CA ALA D 161 -9.92 4.68 27.78
C ALA D 161 -10.99 3.69 28.26
N GLU D 162 -12.23 4.01 27.93
CA GLU D 162 -13.40 3.20 28.24
C GLU D 162 -14.21 3.16 26.97
N LEU D 163 -14.73 1.99 26.64
CA LEU D 163 -15.51 1.86 25.42
C LEU D 163 -16.53 0.76 25.51
N LYS D 164 -17.57 0.87 24.68
CA LYS D 164 -18.61 -0.13 24.64
C LYS D 164 -18.77 -0.59 23.20
N ALA D 165 -18.63 -1.89 22.99
CA ALA D 165 -18.76 -2.45 21.66
C ALA D 165 -19.93 -3.42 21.64
N MET D 166 -20.32 -3.82 20.43
CA MET D 166 -21.39 -4.79 20.25
C MET D 166 -21.00 -5.76 19.14
N ILE D 167 -21.17 -7.05 19.42
CA ILE D 167 -20.87 -8.07 18.42
C ILE D 167 -22.17 -8.29 17.66
N ALA D 168 -22.06 -8.40 16.34
CA ALA D 168 -23.26 -8.56 15.54
C ALA D 168 -23.06 -9.43 14.32
N GLU D 169 -24.18 -9.88 13.74
CA GLU D 169 -24.16 -10.70 12.55
C GLU D 169 -23.81 -9.84 11.37
N ARG D 170 -23.00 -10.39 10.46
CA ARG D 170 -22.62 -9.68 9.25
C ARG D 170 -23.84 -9.75 8.34
N GLU D 171 -24.93 -10.31 8.89
CA GLU D 171 -26.19 -10.49 8.17
C GLU D 171 -26.06 -10.13 6.70
N LEU E 20 -33.33 -6.28 -10.92
CA LEU E 20 -34.64 -5.59 -11.13
C LEU E 20 -34.75 -4.36 -10.25
N GLN E 21 -33.75 -4.13 -9.39
CA GLN E 21 -33.77 -2.97 -8.51
C GLN E 21 -33.31 -1.76 -9.31
N SER E 22 -33.26 -0.61 -8.65
CA SER E 22 -32.81 0.61 -9.33
C SER E 22 -31.76 1.34 -8.52
N GLN E 23 -31.53 0.89 -7.29
CA GLN E 23 -30.56 1.51 -6.40
C GLN E 23 -29.76 0.40 -5.69
N PHE E 24 -28.43 0.44 -5.84
CA PHE E 24 -27.55 -0.56 -5.23
C PHE E 24 -26.39 0.08 -4.50
N PHE E 25 -25.96 -0.55 -3.42
CA PHE E 25 -24.84 -0.03 -2.64
C PHE E 25 -23.54 -0.83 -2.85
N ILE E 26 -22.47 -0.41 -2.17
CA ILE E 26 -21.19 -1.06 -2.32
C ILE E 26 -21.24 -2.58 -2.15
N GLU E 27 -22.10 -3.08 -1.26
CA GLU E 27 -22.23 -4.52 -1.04
C GLU E 27 -22.75 -5.22 -2.28
N HIS E 28 -23.66 -4.56 -3.00
CA HIS E 28 -24.25 -5.12 -4.20
C HIS E 28 -23.31 -5.00 -5.39
N ILE E 29 -22.53 -3.93 -5.41
CA ILE E 29 -21.58 -3.73 -6.49
C ILE E 29 -20.48 -4.78 -6.39
N LEU E 30 -20.08 -5.11 -5.17
CA LEU E 30 -19.05 -6.11 -4.93
C LEU E 30 -19.46 -7.49 -5.41
N GLN E 31 -20.75 -7.81 -5.30
CA GLN E 31 -21.24 -9.11 -5.70
C GLN E 31 -21.45 -9.24 -7.21
N ILE E 32 -21.41 -8.12 -7.91
CA ILE E 32 -21.62 -8.12 -9.35
C ILE E 32 -20.35 -7.91 -10.18
N LEU E 33 -19.57 -6.91 -9.83
CA LEU E 33 -18.35 -6.61 -10.56
C LEU E 33 -17.17 -7.40 -10.03
N PRO E 34 -16.24 -7.80 -10.92
CA PRO E 34 -15.07 -8.57 -10.51
C PRO E 34 -13.97 -7.67 -9.95
N HIS E 35 -14.01 -6.39 -10.28
CA HIS E 35 -13.00 -5.43 -9.82
C HIS E 35 -12.87 -5.38 -8.31
N ARG E 36 -11.66 -5.06 -7.85
CA ARG E 36 -11.39 -4.97 -6.43
C ARG E 36 -10.35 -3.90 -6.19
N TYR E 37 -10.01 -3.67 -4.93
CA TYR E 37 -9.05 -2.64 -4.59
C TYR E 37 -7.69 -2.94 -5.22
N PRO E 38 -7.02 -1.92 -5.80
CA PRO E 38 -7.43 -0.52 -5.95
C PRO E 38 -8.00 -0.21 -7.33
N MET E 39 -8.84 -1.10 -7.85
CA MET E 39 -9.42 -0.87 -9.16
C MET E 39 -10.94 -0.92 -9.25
N LEU E 40 -11.61 -0.89 -8.09
CA LEU E 40 -13.07 -0.87 -8.07
C LEU E 40 -13.41 0.60 -7.86
N LEU E 41 -13.78 1.28 -8.95
CA LEU E 41 -14.06 2.71 -8.90
C LEU E 41 -15.52 3.16 -8.94
N VAL E 42 -16.41 2.36 -8.37
CA VAL E 42 -17.83 2.68 -8.30
C VAL E 42 -18.25 2.49 -6.84
N ASP E 43 -18.92 3.47 -6.28
CA ASP E 43 -19.32 3.36 -4.88
C ASP E 43 -20.78 3.06 -4.63
N ARG E 44 -21.66 3.60 -5.46
CA ARG E 44 -23.09 3.40 -5.29
C ARG E 44 -23.82 3.62 -6.62
N ILE E 45 -24.88 2.86 -6.86
CA ILE E 45 -25.68 3.01 -8.08
C ILE E 45 -26.93 3.77 -7.65
N THR E 46 -27.25 4.90 -8.30
CA THR E 46 -28.44 5.65 -7.88
C THR E 46 -29.66 5.44 -8.74
N GLU E 47 -29.45 4.91 -9.94
CA GLU E 47 -30.56 4.67 -10.83
C GLU E 47 -30.12 3.75 -11.94
N LEU E 48 -30.97 2.77 -12.26
CA LEU E 48 -30.63 1.81 -13.29
C LEU E 48 -31.85 1.33 -14.09
N GLN E 49 -31.78 1.52 -15.40
CA GLN E 49 -32.82 1.07 -16.32
C GLN E 49 -32.20 0.01 -17.23
N ALA E 50 -32.65 -1.23 -17.05
CA ALA E 50 -32.15 -2.36 -17.83
C ALA E 50 -32.05 -2.12 -19.35
N ASN E 51 -30.91 -2.45 -19.92
CA ASN E 51 -30.68 -2.29 -21.36
C ASN E 51 -30.66 -0.84 -21.83
N GLN E 52 -30.79 0.11 -20.91
CA GLN E 52 -30.83 1.50 -21.34
C GLN E 52 -29.84 2.48 -20.72
N LYS E 53 -29.96 2.71 -19.42
CA LYS E 53 -29.08 3.67 -18.78
C LYS E 53 -28.77 3.31 -17.34
N ILE E 54 -27.76 3.98 -16.80
CA ILE E 54 -27.38 3.79 -15.40
C ILE E 54 -26.75 5.09 -14.92
N VAL E 55 -26.92 5.36 -13.64
CA VAL E 55 -26.34 6.55 -13.02
C VAL E 55 -25.71 6.02 -11.74
N ALA E 56 -24.43 6.31 -11.57
CA ALA E 56 -23.71 5.86 -10.38
C ALA E 56 -22.68 6.92 -10.03
N TYR E 57 -21.95 6.69 -8.95
CA TYR E 57 -20.94 7.65 -8.58
C TYR E 57 -19.86 7.08 -7.71
N LYS E 58 -18.74 7.78 -7.69
CA LYS E 58 -17.60 7.41 -6.88
C LYS E 58 -17.16 8.64 -6.12
N ASN E 59 -16.99 8.52 -4.82
CA ASN E 59 -16.52 9.66 -4.05
C ASN E 59 -15.02 9.77 -4.26
N ILE E 60 -14.53 11.01 -4.30
CA ILE E 60 -13.10 11.27 -4.48
C ILE E 60 -12.58 11.91 -3.20
N THR E 61 -11.59 11.28 -2.58
CA THR E 61 -11.01 11.77 -1.33
C THR E 61 -9.50 11.77 -1.42
N PHE E 62 -8.84 12.58 -0.60
CA PHE E 62 -7.38 12.62 -0.63
C PHE E 62 -6.82 11.27 -0.19
N ASN E 63 -7.54 10.61 0.71
CA ASN E 63 -7.14 9.32 1.27
C ASN E 63 -7.12 8.14 0.28
N GLU E 64 -6.62 8.39 -0.92
CA GLU E 64 -6.52 7.38 -1.96
C GLU E 64 -5.07 7.35 -2.46
N ASP E 65 -4.50 6.14 -2.58
CA ASP E 65 -3.12 5.93 -2.99
C ASP E 65 -2.69 6.54 -4.33
N VAL E 66 -3.60 6.64 -5.29
CA VAL E 66 -3.30 7.23 -6.59
C VAL E 66 -2.81 8.67 -6.45
N PHE E 67 -3.27 9.36 -5.41
CA PHE E 67 -2.87 10.74 -5.17
C PHE E 67 -1.41 10.95 -4.76
N ASN E 68 -0.76 9.89 -4.30
CA ASN E 68 0.65 9.99 -3.93
C ASN E 68 1.51 10.35 -5.14
N GLY E 69 1.04 10.00 -6.33
CA GLY E 69 1.81 10.30 -7.52
C GLY E 69 1.12 11.04 -8.65
N HIS E 70 -0.07 11.58 -8.41
CA HIS E 70 -0.79 12.29 -9.46
C HIS E 70 -1.59 13.48 -8.90
N PHE E 71 -0.92 14.54 -8.48
CA PHE E 71 0.54 14.65 -8.48
C PHE E 71 0.91 15.14 -7.07
N PRO E 72 2.21 15.16 -6.74
CA PRO E 72 2.63 15.62 -5.41
C PRO E 72 2.25 17.10 -5.25
N ASN E 73 1.57 17.43 -4.16
CA ASN E 73 1.13 18.80 -3.90
C ASN E 73 -0.05 19.24 -4.78
N LYS E 74 -0.37 18.45 -5.79
CA LYS E 74 -1.49 18.77 -6.66
C LYS E 74 -2.32 17.53 -7.01
N PRO E 75 -3.17 17.07 -6.05
CA PRO E 75 -4.00 15.89 -6.28
C PRO E 75 -5.07 16.11 -7.34
N ILE E 76 -5.00 15.28 -8.39
CA ILE E 76 -5.94 15.33 -9.50
C ILE E 76 -6.33 13.90 -9.87
N PHE E 77 -7.61 13.57 -9.78
CA PHE E 77 -8.04 12.23 -10.14
C PHE E 77 -7.71 12.01 -11.61
N PRO E 78 -6.90 11.00 -11.93
CA PRO E 78 -6.51 10.70 -13.32
C PRO E 78 -7.70 10.61 -14.27
N GLY E 79 -7.51 11.11 -15.49
CA GLY E 79 -8.56 11.08 -16.49
C GLY E 79 -8.87 9.66 -16.94
N VAL E 80 -7.83 8.83 -17.04
CA VAL E 80 -8.02 7.45 -17.46
C VAL E 80 -8.83 6.69 -16.42
N LEU E 81 -8.73 7.08 -15.15
CA LEU E 81 -9.49 6.39 -14.12
C LEU E 81 -10.94 6.84 -14.09
N ILE E 82 -11.25 7.99 -14.69
CA ILE E 82 -12.62 8.47 -14.75
C ILE E 82 -13.32 7.59 -15.78
N VAL E 83 -12.61 7.36 -16.89
CA VAL E 83 -13.12 6.52 -17.97
C VAL E 83 -13.33 5.09 -17.46
N GLU E 84 -12.39 4.63 -16.64
CA GLU E 84 -12.46 3.29 -16.06
C GLU E 84 -13.71 3.18 -15.18
N GLY E 85 -13.99 4.25 -14.45
CA GLY E 85 -15.15 4.27 -13.57
C GLY E 85 -16.43 4.25 -14.36
N MET E 86 -16.40 4.84 -15.55
CA MET E 86 -17.57 4.88 -16.43
C MET E 86 -17.79 3.50 -17.04
N ALA E 87 -16.70 2.81 -17.37
CA ALA E 87 -16.81 1.48 -17.97
C ALA E 87 -17.35 0.46 -16.99
N GLN E 88 -16.93 0.57 -15.73
CA GLN E 88 -17.40 -0.34 -14.71
C GLN E 88 -18.88 -0.11 -14.47
N SER E 89 -19.33 1.13 -14.60
CA SER E 89 -20.74 1.47 -14.44
C SER E 89 -21.50 0.76 -15.54
N GLY E 90 -20.98 0.83 -16.76
CA GLY E 90 -21.62 0.18 -17.88
C GLY E 90 -21.61 -1.32 -17.68
N GLY E 91 -20.51 -1.83 -17.15
CA GLY E 91 -20.37 -3.26 -16.91
C GLY E 91 -21.46 -3.75 -15.97
N PHE E 92 -21.70 -3.01 -14.91
CA PHE E 92 -22.71 -3.39 -13.94
C PHE E 92 -24.05 -3.42 -14.66
N LEU E 93 -24.28 -2.39 -15.47
CA LEU E 93 -25.51 -2.28 -16.25
C LEU E 93 -25.62 -3.48 -17.19
N ALA E 94 -24.53 -3.78 -17.89
CA ALA E 94 -24.52 -4.90 -18.83
C ALA E 94 -24.84 -6.23 -18.16
N PHE E 95 -24.19 -6.50 -17.04
CA PHE E 95 -24.41 -7.76 -16.35
C PHE E 95 -25.83 -7.97 -15.81
N THR E 96 -26.35 -6.98 -15.09
CA THR E 96 -27.67 -7.11 -14.52
C THR E 96 -28.77 -7.09 -15.58
N SER E 97 -28.49 -6.46 -16.72
CA SER E 97 -29.48 -6.44 -17.78
C SER E 97 -29.50 -7.83 -18.42
N LEU E 98 -28.38 -8.52 -18.28
CA LEU E 98 -28.19 -9.86 -18.83
C LEU E 98 -28.75 -10.98 -17.95
N TRP E 99 -28.21 -11.11 -16.74
CA TRP E 99 -28.65 -12.15 -15.82
C TRP E 99 -29.37 -11.64 -14.58
N GLY E 100 -29.66 -10.35 -14.56
CA GLY E 100 -30.32 -9.80 -13.39
C GLY E 100 -29.30 -9.73 -12.28
N PHE E 101 -29.76 -9.71 -11.04
CA PHE E 101 -28.85 -9.65 -9.92
C PHE E 101 -28.45 -11.04 -9.44
N ASP E 102 -27.46 -11.64 -10.08
CA ASP E 102 -27.04 -12.97 -9.67
C ASP E 102 -25.54 -13.06 -9.43
N PRO E 103 -25.10 -12.89 -8.17
CA PRO E 103 -23.68 -12.94 -7.80
C PRO E 103 -23.01 -14.28 -8.15
N GLU E 104 -23.76 -15.37 -8.06
CA GLU E 104 -23.19 -16.69 -8.36
C GLU E 104 -22.71 -16.77 -9.81
N ILE E 105 -23.46 -16.17 -10.72
CA ILE E 105 -23.07 -16.16 -12.13
C ILE E 105 -21.95 -15.13 -12.31
N ALA E 106 -22.11 -13.99 -11.65
CA ALA E 106 -21.15 -12.89 -11.75
C ALA E 106 -19.73 -13.21 -11.26
N LYS E 107 -19.63 -13.93 -10.15
CA LYS E 107 -18.32 -14.24 -9.57
C LYS E 107 -17.26 -14.89 -10.46
N THR E 108 -17.65 -15.44 -11.61
CA THR E 108 -16.66 -16.03 -12.51
C THR E 108 -16.55 -15.28 -13.83
N LYS E 109 -17.10 -14.06 -13.85
CA LYS E 109 -17.05 -13.22 -15.04
C LYS E 109 -15.97 -12.14 -14.90
N ILE E 110 -15.37 -11.79 -16.03
CA ILE E 110 -14.34 -10.77 -16.08
C ILE E 110 -14.84 -9.76 -17.11
N VAL E 111 -14.19 -8.61 -17.21
CA VAL E 111 -14.58 -7.58 -18.18
C VAL E 111 -13.39 -6.99 -18.91
N TYR E 112 -13.41 -7.07 -20.23
CA TYR E 112 -12.33 -6.54 -21.05
C TYR E 112 -12.82 -5.29 -21.78
N PHE E 113 -11.91 -4.31 -21.90
CA PHE E 113 -12.17 -3.07 -22.63
C PHE E 113 -11.85 -3.47 -24.07
N MET E 114 -12.64 -3.04 -25.04
CA MET E 114 -12.35 -3.37 -26.43
C MET E 114 -11.93 -2.09 -27.17
N THR E 115 -12.67 -1.01 -26.94
CA THR E 115 -12.38 0.28 -27.57
C THR E 115 -12.80 1.46 -26.69
N ILE E 116 -12.23 2.62 -26.99
CA ILE E 116 -12.54 3.85 -26.29
C ILE E 116 -12.47 4.93 -27.37
N ASP E 117 -13.48 5.78 -27.42
CA ASP E 117 -13.51 6.85 -28.39
C ASP E 117 -14.13 8.11 -27.83
N LYS E 118 -13.98 9.19 -28.58
CA LYS E 118 -14.56 10.47 -28.23
C LYS E 118 -14.48 10.91 -26.77
N VAL E 119 -13.37 10.67 -26.09
CA VAL E 119 -13.32 11.13 -24.71
C VAL E 119 -12.77 12.55 -24.72
N LYS E 120 -13.32 13.37 -23.84
CA LYS E 120 -12.91 14.77 -23.75
C LYS E 120 -13.02 15.13 -22.26
N PHE E 121 -11.96 15.69 -21.69
CA PHE E 121 -11.99 16.09 -20.28
C PHE E 121 -12.16 17.61 -20.23
N ARG E 122 -13.11 18.07 -19.43
CA ARG E 122 -13.37 19.50 -19.35
C ARG E 122 -12.95 20.18 -18.05
N ILE E 123 -13.11 19.46 -16.94
CA ILE E 123 -12.79 20.00 -15.63
C ILE E 123 -12.05 18.98 -14.77
N PRO E 124 -10.95 19.41 -14.12
CA PRO E 124 -10.18 18.51 -13.26
C PRO E 124 -10.99 18.03 -12.06
N VAL E 125 -10.93 16.73 -11.78
CA VAL E 125 -11.65 16.17 -10.65
C VAL E 125 -10.65 16.11 -9.49
N THR E 126 -11.07 16.63 -8.34
CA THR E 126 -10.21 16.68 -7.16
C THR E 126 -10.84 16.08 -5.91
N PRO E 127 -10.04 15.92 -4.84
CA PRO E 127 -10.54 15.36 -3.58
C PRO E 127 -11.69 16.21 -3.07
N GLY E 128 -12.78 15.56 -2.68
CA GLY E 128 -13.95 16.27 -2.20
C GLY E 128 -15.03 16.24 -3.25
N ASP E 129 -14.68 15.83 -4.46
CA ASP E 129 -15.64 15.75 -5.55
C ASP E 129 -16.44 14.46 -5.48
N ARG E 130 -17.71 14.55 -5.88
CA ARG E 130 -18.58 13.39 -5.95
C ARG E 130 -18.70 13.19 -7.46
N LEU E 131 -17.90 12.26 -8.00
CA LEU E 131 -17.88 12.00 -9.44
C LEU E 131 -19.05 11.10 -9.83
N GLU E 132 -19.99 11.68 -10.55
CA GLU E 132 -21.18 10.95 -10.96
C GLU E 132 -21.10 10.48 -12.41
N TYR E 133 -21.28 9.17 -12.59
CA TYR E 133 -21.23 8.57 -13.91
C TYR E 133 -22.63 8.43 -14.50
N HIS E 134 -22.77 8.87 -15.75
CA HIS E 134 -24.04 8.77 -16.49
C HIS E 134 -23.76 7.99 -17.76
N LEU E 135 -24.19 6.74 -17.81
CA LEU E 135 -23.96 5.91 -19.00
C LEU E 135 -25.27 5.49 -19.66
N GLU E 136 -25.29 5.57 -20.98
CA GLU E 136 -26.44 5.14 -21.76
C GLU E 136 -25.98 4.09 -22.73
N VAL E 137 -26.81 3.09 -22.99
CA VAL E 137 -26.45 2.03 -23.91
C VAL E 137 -26.64 2.51 -25.35
N LEU E 138 -25.58 2.48 -26.15
CA LEU E 138 -25.65 2.92 -27.54
C LEU E 138 -25.99 1.74 -28.43
N LYS E 139 -25.49 0.56 -28.05
CA LYS E 139 -25.70 -0.67 -28.80
C LYS E 139 -25.08 -1.83 -28.04
N HIS E 140 -25.80 -2.94 -27.97
CA HIS E 140 -25.31 -4.10 -27.28
C HIS E 140 -25.76 -5.35 -28.00
N LYS E 141 -24.87 -6.34 -28.06
CA LYS E 141 -25.10 -7.62 -28.71
C LYS E 141 -24.43 -8.71 -27.88
N GLY E 142 -25.23 -9.46 -27.13
CA GLY E 142 -24.66 -10.52 -26.31
C GLY E 142 -23.75 -9.96 -25.24
N MET E 143 -22.50 -10.39 -25.25
CA MET E 143 -21.52 -9.95 -24.27
C MET E 143 -20.91 -8.59 -24.59
N ILE E 144 -21.07 -8.13 -25.82
CA ILE E 144 -20.48 -6.86 -26.22
C ILE E 144 -21.41 -5.66 -26.07
N TRP E 145 -21.03 -4.78 -25.17
CA TRP E 145 -21.80 -3.58 -24.88
C TRP E 145 -21.05 -2.29 -25.19
N GLN E 146 -21.74 -1.40 -25.89
CA GLN E 146 -21.17 -0.12 -26.25
C GLN E 146 -21.97 1.00 -25.59
N VAL E 147 -21.37 1.64 -24.60
CA VAL E 147 -22.03 2.70 -23.86
C VAL E 147 -21.34 4.05 -24.02
N GLY E 148 -22.11 5.10 -23.85
CA GLY E 148 -21.59 6.45 -23.97
C GLY E 148 -22.26 7.31 -22.92
N GLY E 149 -21.60 8.37 -22.52
CA GLY E 149 -22.17 9.25 -21.52
C GLY E 149 -21.19 10.27 -20.98
N THR E 150 -21.38 10.65 -19.72
CA THR E 150 -20.53 11.65 -19.09
C THR E 150 -20.22 11.33 -17.62
N ALA E 151 -19.27 12.09 -17.10
CA ALA E 151 -18.88 12.00 -15.70
C ALA E 151 -19.23 13.41 -15.26
N GLN E 152 -19.88 13.55 -14.13
CA GLN E 152 -20.28 14.87 -13.66
C GLN E 152 -19.96 15.16 -12.20
N VAL E 153 -19.71 16.43 -11.90
CA VAL E 153 -19.44 16.86 -10.54
C VAL E 153 -20.28 18.10 -10.30
N ASP E 154 -21.19 18.02 -9.35
CA ASP E 154 -22.07 19.13 -9.01
C ASP E 154 -22.91 19.60 -10.21
N GLY E 155 -23.42 18.65 -10.99
CA GLY E 155 -24.24 18.98 -12.14
C GLY E 155 -23.56 19.44 -13.42
N LYS E 156 -22.24 19.50 -13.43
CA LYS E 156 -21.52 19.93 -14.63
C LYS E 156 -20.73 18.79 -15.25
N VAL E 157 -20.58 18.82 -16.57
CA VAL E 157 -19.84 17.78 -17.25
C VAL E 157 -18.34 17.98 -17.10
N VAL E 158 -17.67 17.02 -16.47
CA VAL E 158 -16.23 17.10 -16.28
C VAL E 158 -15.57 16.23 -17.34
N ALA E 159 -16.34 15.30 -17.91
CA ALA E 159 -15.81 14.40 -18.93
C ALA E 159 -16.87 13.69 -19.80
N GLU E 160 -16.50 13.44 -21.05
CA GLU E 160 -17.34 12.76 -22.01
C GLU E 160 -16.60 11.50 -22.42
N ALA E 161 -17.33 10.43 -22.72
CA ALA E 161 -16.69 9.19 -23.11
C ALA E 161 -17.63 8.21 -23.79
N GLU E 162 -17.06 7.42 -24.70
CA GLU E 162 -17.76 6.39 -25.43
C GLU E 162 -16.86 5.16 -25.34
N LEU E 163 -17.42 4.03 -24.94
CA LEU E 163 -16.61 2.83 -24.79
C LEU E 163 -17.35 1.55 -25.12
N LYS E 164 -16.58 0.53 -25.50
CA LYS E 164 -17.12 -0.78 -25.83
C LYS E 164 -16.37 -1.83 -25.00
N ALA E 165 -17.09 -2.54 -24.16
CA ALA E 165 -16.51 -3.56 -23.30
C ALA E 165 -17.17 -4.92 -23.55
N MET E 166 -16.47 -5.97 -23.16
CA MET E 166 -16.96 -7.33 -23.36
C MET E 166 -16.93 -8.09 -22.05
N ILE E 167 -18.04 -8.78 -21.76
CA ILE E 167 -18.13 -9.59 -20.55
C ILE E 167 -17.70 -11.00 -20.93
N ALA E 168 -16.87 -11.64 -20.10
CA ALA E 168 -16.41 -12.97 -20.43
C ALA E 168 -16.19 -13.87 -19.22
N GLU E 169 -16.42 -15.16 -19.45
CA GLU E 169 -16.24 -16.18 -18.41
C GLU E 169 -14.74 -16.38 -18.17
N ARG E 170 -14.31 -16.41 -16.90
CA ARG E 170 -12.89 -16.63 -16.62
C ARG E 170 -12.46 -17.98 -17.19
N GLU E 171 -11.65 -17.97 -18.23
CA GLU E 171 -11.18 -19.21 -18.82
C GLU E 171 -9.82 -19.51 -18.20
N GLN F 23 20.07 6.75 -24.57
CA GLN F 23 18.74 6.43 -23.98
C GLN F 23 18.50 7.27 -22.72
N PHE F 24 17.29 7.22 -22.19
CA PHE F 24 16.97 7.95 -20.97
C PHE F 24 16.46 6.92 -19.98
N PHE F 25 17.07 6.85 -18.81
CA PHE F 25 16.65 5.86 -17.82
C PHE F 25 15.66 6.42 -16.81
N ILE F 26 15.21 5.58 -15.89
CA ILE F 26 14.23 6.03 -14.91
C ILE F 26 14.56 7.34 -14.21
N GLU F 27 15.83 7.57 -13.87
CA GLU F 27 16.22 8.79 -13.17
C GLU F 27 16.05 10.06 -14.01
N HIS F 28 16.20 9.93 -15.33
CA HIS F 28 16.06 11.05 -16.24
C HIS F 28 14.57 11.33 -16.41
N ILE F 29 13.80 10.27 -16.57
CA ILE F 29 12.36 10.37 -16.71
C ILE F 29 11.83 11.15 -15.50
N LEU F 30 12.31 10.77 -14.32
CA LEU F 30 11.90 11.41 -13.06
C LEU F 30 12.21 12.90 -13.02
N GLN F 31 13.20 13.33 -13.80
CA GLN F 31 13.56 14.74 -13.83
C GLN F 31 12.66 15.54 -14.75
N ILE F 32 11.98 14.86 -15.67
CA ILE F 32 11.09 15.54 -16.62
C ILE F 32 9.61 15.37 -16.30
N LEU F 33 9.16 14.13 -16.17
CA LEU F 33 7.75 13.90 -15.87
C LEU F 33 7.48 14.15 -14.39
N PRO F 34 6.30 14.71 -14.07
CA PRO F 34 5.91 15.02 -12.69
C PRO F 34 5.27 13.81 -12.01
N HIS F 35 4.81 12.84 -12.80
CA HIS F 35 4.17 11.64 -12.26
C HIS F 35 5.07 10.86 -11.31
N ARG F 36 4.47 10.37 -10.22
CA ARG F 36 5.19 9.57 -9.23
C ARG F 36 4.40 8.30 -8.97
N TYR F 37 4.95 7.44 -8.10
CA TYR F 37 4.29 6.19 -7.76
C TYR F 37 2.95 6.51 -7.10
N PRO F 38 1.89 5.77 -7.45
CA PRO F 38 1.86 4.65 -8.39
C PRO F 38 1.28 5.03 -9.75
N MET F 39 1.65 6.21 -10.27
CA MET F 39 1.15 6.66 -11.55
C MET F 39 2.23 7.02 -12.57
N LEU F 40 3.46 6.61 -12.30
CA LEU F 40 4.57 6.84 -13.22
C LEU F 40 4.70 5.53 -13.95
N LEU F 41 4.13 5.46 -15.15
CA LEU F 41 4.12 4.23 -15.91
C LEU F 41 5.05 4.11 -17.11
N VAL F 42 6.22 4.73 -17.04
CA VAL F 42 7.22 4.63 -18.10
C VAL F 42 8.54 4.37 -17.39
N ASP F 43 9.19 3.26 -17.74
CA ASP F 43 10.46 2.90 -17.10
C ASP F 43 11.71 3.35 -17.84
N ARG F 44 11.64 3.39 -19.16
CA ARG F 44 12.81 3.77 -19.94
C ARG F 44 12.45 4.32 -21.33
N ILE F 45 13.30 5.22 -21.84
CA ILE F 45 13.11 5.81 -23.16
C ILE F 45 14.24 5.24 -24.02
N THR F 46 13.91 4.49 -25.07
CA THR F 46 14.93 3.92 -25.94
C THR F 46 15.22 4.77 -27.18
N GLU F 47 14.22 5.50 -27.68
CA GLU F 47 14.43 6.38 -28.84
C GLU F 47 13.58 7.64 -28.77
N LEU F 48 14.20 8.76 -29.10
CA LEU F 48 13.54 10.06 -29.08
C LEU F 48 13.97 10.93 -30.25
N GLN F 49 13.00 11.48 -30.98
CA GLN F 49 13.30 12.38 -32.10
C GLN F 49 12.37 13.56 -31.97
N ALA F 50 12.91 14.68 -31.50
CA ALA F 50 12.14 15.90 -31.28
C ALA F 50 11.14 16.18 -32.39
N ASN F 51 9.90 16.49 -31.98
CA ASN F 51 8.80 16.80 -32.90
C ASN F 51 8.49 15.69 -33.92
N GLN F 52 8.99 14.49 -33.68
CA GLN F 52 8.74 13.39 -34.60
C GLN F 52 8.13 12.16 -33.92
N LYS F 53 8.93 11.41 -33.17
CA LYS F 53 8.43 10.21 -32.52
C LYS F 53 9.21 9.86 -31.26
N ILE F 54 8.71 8.86 -30.54
CA ILE F 54 9.37 8.40 -29.34
C ILE F 54 9.03 6.95 -29.09
N VAL F 55 10.04 6.20 -28.66
CA VAL F 55 9.83 4.79 -28.35
C VAL F 55 10.29 4.56 -26.91
N ALA F 56 9.41 3.98 -26.10
CA ALA F 56 9.72 3.72 -24.70
C ALA F 56 9.01 2.46 -24.27
N TYR F 57 9.21 2.06 -23.01
CA TYR F 57 8.53 0.88 -22.52
C TYR F 57 8.42 0.86 -21.01
N LYS F 58 7.50 0.01 -20.54
CA LYS F 58 7.28 -0.19 -19.11
C LYS F 58 7.24 -1.68 -18.87
N ASN F 59 8.03 -2.17 -17.92
CA ASN F 59 8.00 -3.58 -17.59
C ASN F 59 6.74 -3.88 -16.77
N ILE F 60 6.14 -5.04 -17.02
CA ILE F 60 4.94 -5.46 -16.30
C ILE F 60 5.35 -6.63 -15.42
N THR F 61 5.09 -6.50 -14.13
CA THR F 61 5.44 -7.55 -13.18
C THR F 61 4.25 -7.82 -12.28
N PHE F 62 4.21 -8.99 -11.66
CA PHE F 62 3.10 -9.30 -10.78
C PHE F 62 3.17 -8.42 -9.53
N ASN F 63 4.39 -8.01 -9.18
CA ASN F 63 4.64 -7.18 -8.00
C ASN F 63 4.11 -5.74 -8.10
N GLU F 64 2.96 -5.56 -8.73
CA GLU F 64 2.36 -4.24 -8.86
C GLU F 64 1.00 -4.27 -8.16
N ASP F 65 0.74 -3.25 -7.35
CA ASP F 65 -0.50 -3.15 -6.59
C ASP F 65 -1.81 -3.22 -7.37
N VAL F 66 -1.83 -2.69 -8.59
CA VAL F 66 -3.06 -2.72 -9.40
C VAL F 66 -3.56 -4.14 -9.64
N PHE F 67 -2.64 -5.10 -9.73
CA PHE F 67 -3.05 -6.47 -9.98
C PHE F 67 -3.83 -7.12 -8.85
N ASN F 68 -3.85 -6.49 -7.67
CA ASN F 68 -4.62 -7.03 -6.55
C ASN F 68 -6.12 -6.92 -6.89
N GLY F 69 -6.47 -5.93 -7.71
CA GLY F 69 -7.87 -5.75 -8.06
C GLY F 69 -8.21 -5.87 -9.53
N HIS F 70 -7.26 -6.25 -10.37
CA HIS F 70 -7.54 -6.33 -11.80
C HIS F 70 -6.80 -7.46 -12.54
N PHE F 71 -7.23 -8.70 -12.33
CA PHE F 71 -8.33 -9.04 -11.44
C PHE F 71 -7.80 -10.08 -10.48
N PRO F 72 -8.44 -10.22 -9.31
CA PRO F 72 -7.91 -11.24 -8.40
C PRO F 72 -7.86 -12.58 -9.12
N ASN F 73 -6.81 -13.35 -8.88
CA ASN F 73 -6.66 -14.65 -9.51
C ASN F 73 -6.51 -14.61 -11.04
N LYS F 74 -6.56 -13.42 -11.62
CA LYS F 74 -6.42 -13.25 -13.07
C LYS F 74 -5.79 -11.88 -13.37
N PRO F 75 -4.47 -11.77 -13.25
CA PRO F 75 -3.75 -10.52 -13.51
C PRO F 75 -3.73 -10.05 -14.95
N ILE F 76 -4.35 -8.89 -15.18
CA ILE F 76 -4.44 -8.28 -16.48
C ILE F 76 -4.20 -6.77 -16.33
N PHE F 77 -3.18 -6.26 -17.01
CA PHE F 77 -2.85 -4.85 -16.91
C PHE F 77 -4.00 -4.03 -17.48
N PRO F 78 -4.52 -3.08 -16.70
CA PRO F 78 -5.64 -2.23 -17.14
C PRO F 78 -5.40 -1.53 -18.48
N GLY F 79 -6.38 -1.63 -19.37
CA GLY F 79 -6.25 -0.98 -20.67
C GLY F 79 -6.07 0.53 -20.54
N VAL F 80 -6.78 1.15 -19.60
CA VAL F 80 -6.66 2.59 -19.42
C VAL F 80 -5.27 2.98 -18.97
N LEU F 81 -4.58 2.07 -18.28
CA LEU F 81 -3.22 2.34 -17.82
C LEU F 81 -2.25 2.21 -18.99
N ILE F 82 -2.62 1.38 -19.97
CA ILE F 82 -1.78 1.25 -21.16
C ILE F 82 -1.84 2.60 -21.84
N VAL F 83 -3.04 3.17 -21.95
CA VAL F 83 -3.20 4.47 -22.57
C VAL F 83 -2.44 5.54 -21.76
N GLU F 84 -2.50 5.46 -20.43
CA GLU F 84 -1.80 6.41 -19.58
C GLU F 84 -0.29 6.37 -19.87
N GLY F 85 0.22 5.15 -20.06
CA GLY F 85 1.64 4.99 -20.37
C GLY F 85 2.00 5.65 -21.69
N MET F 86 1.10 5.57 -22.66
CA MET F 86 1.34 6.18 -23.96
C MET F 86 1.30 7.71 -23.84
N ALA F 87 0.39 8.22 -23.01
CA ALA F 87 0.28 9.66 -22.81
C ALA F 87 1.55 10.19 -22.14
N GLN F 88 2.04 9.46 -21.13
CA GLN F 88 3.25 9.88 -20.43
C GLN F 88 4.43 9.89 -21.39
N SER F 89 4.49 8.88 -22.24
CA SER F 89 5.58 8.79 -23.23
C SER F 89 5.47 9.97 -24.17
N GLY F 90 4.24 10.34 -24.51
CA GLY F 90 4.03 11.47 -25.38
C GLY F 90 4.38 12.74 -24.65
N GLY F 91 4.08 12.75 -23.35
CA GLY F 91 4.39 13.92 -22.56
C GLY F 91 5.88 14.16 -22.53
N PHE F 92 6.66 13.09 -22.45
CA PHE F 92 8.12 13.21 -22.42
C PHE F 92 8.60 13.80 -23.74
N LEU F 93 7.98 13.37 -24.83
CA LEU F 93 8.34 13.88 -26.14
C LEU F 93 8.04 15.38 -26.19
N ALA F 94 6.89 15.76 -25.63
CA ALA F 94 6.47 17.16 -25.59
C ALA F 94 7.42 18.03 -24.76
N PHE F 95 7.72 17.59 -23.54
CA PHE F 95 8.64 18.31 -22.65
C PHE F 95 9.99 18.57 -23.31
N THR F 96 10.61 17.53 -23.85
CA THR F 96 11.90 17.67 -24.47
C THR F 96 11.89 18.42 -25.80
N SER F 97 10.88 18.19 -26.62
CA SER F 97 10.82 18.90 -27.90
C SER F 97 10.66 20.39 -27.64
N LEU F 98 10.01 20.72 -26.53
CA LEU F 98 9.78 22.11 -26.18
C LEU F 98 11.02 22.78 -25.54
N TRP F 99 11.52 22.20 -24.45
CA TRP F 99 12.66 22.78 -23.76
C TRP F 99 13.90 21.92 -23.66
N GLY F 100 13.95 20.82 -24.41
CA GLY F 100 15.10 19.94 -24.31
C GLY F 100 15.10 19.29 -22.93
N PHE F 101 16.24 18.75 -22.52
CA PHE F 101 16.30 18.13 -21.21
C PHE F 101 16.59 19.21 -20.17
N ASP F 102 15.53 19.76 -19.59
CA ASP F 102 15.67 20.81 -18.61
C ASP F 102 14.89 20.50 -17.32
N PRO F 103 15.51 19.77 -16.39
CA PRO F 103 14.85 19.42 -15.13
C PRO F 103 14.26 20.63 -14.41
N GLU F 104 14.87 21.79 -14.64
CA GLU F 104 14.43 23.00 -13.96
C GLU F 104 13.05 23.50 -14.40
N ILE F 105 12.82 23.63 -15.70
CA ILE F 105 11.53 24.07 -16.20
C ILE F 105 10.49 22.99 -15.88
N ALA F 106 10.83 21.74 -16.21
CA ALA F 106 9.96 20.61 -15.96
C ALA F 106 9.26 20.67 -14.60
N LYS F 107 10.04 20.67 -13.53
CA LYS F 107 9.54 20.67 -12.16
C LYS F 107 8.44 21.65 -11.77
N THR F 108 8.10 22.60 -12.65
CA THR F 108 7.03 23.54 -12.31
C THR F 108 5.75 23.18 -13.05
N LYS F 109 5.85 22.21 -13.95
CA LYS F 109 4.73 21.78 -14.76
C LYS F 109 4.06 20.48 -14.33
N ILE F 110 2.87 20.25 -14.89
CA ILE F 110 2.08 19.04 -14.70
C ILE F 110 1.45 18.85 -16.06
N VAL F 111 0.92 17.66 -16.31
CA VAL F 111 0.28 17.38 -17.59
C VAL F 111 -1.18 17.01 -17.41
N TYR F 112 -2.03 17.52 -18.31
CA TYR F 112 -3.46 17.24 -18.27
C TYR F 112 -3.90 16.53 -19.55
N PHE F 113 -4.71 15.49 -19.39
CA PHE F 113 -5.26 14.75 -20.52
C PHE F 113 -6.38 15.64 -21.08
N MET F 114 -6.43 15.81 -22.40
CA MET F 114 -7.48 16.64 -23.01
C MET F 114 -8.51 15.78 -23.74
N THR F 115 -8.03 14.91 -24.62
CA THR F 115 -8.91 14.02 -25.36
C THR F 115 -8.22 12.68 -25.59
N ILE F 116 -9.03 11.65 -25.80
CA ILE F 116 -8.53 10.32 -26.09
C ILE F 116 -9.48 9.85 -27.17
N ASP F 117 -8.95 9.26 -28.23
CA ASP F 117 -9.83 8.78 -29.27
C ASP F 117 -9.22 7.64 -30.07
N LYS F 118 -10.08 6.86 -30.70
CA LYS F 118 -9.67 5.74 -31.53
C LYS F 118 -8.75 4.76 -30.86
N VAL F 119 -9.05 4.37 -29.62
CA VAL F 119 -8.19 3.40 -28.98
C VAL F 119 -8.81 2.03 -29.15
N LYS F 120 -7.96 1.04 -29.44
CA LYS F 120 -8.42 -0.33 -29.60
C LYS F 120 -7.43 -1.24 -28.88
N PHE F 121 -7.97 -2.19 -28.13
CA PHE F 121 -7.13 -3.15 -27.42
C PHE F 121 -7.27 -4.49 -28.16
N ARG F 122 -6.14 -5.06 -28.56
CA ARG F 122 -6.15 -6.32 -29.28
C ARG F 122 -5.68 -7.50 -28.45
N ILE F 123 -4.65 -7.31 -27.64
CA ILE F 123 -4.13 -8.41 -26.84
C ILE F 123 -3.92 -8.01 -25.40
N PRO F 124 -4.36 -8.84 -24.45
CA PRO F 124 -4.18 -8.53 -23.02
C PRO F 124 -2.70 -8.51 -22.61
N VAL F 125 -2.35 -7.52 -21.78
CA VAL F 125 -1.00 -7.38 -21.28
C VAL F 125 -1.02 -7.95 -19.89
N THR F 126 -0.07 -8.84 -19.60
CA THR F 126 0.01 -9.50 -18.31
C THR F 126 1.43 -9.45 -17.74
N PRO F 127 1.61 -9.88 -16.47
CA PRO F 127 2.94 -9.86 -15.87
C PRO F 127 3.94 -10.67 -16.71
N GLY F 128 5.12 -10.10 -16.94
CA GLY F 128 6.12 -10.77 -17.74
C GLY F 128 6.28 -10.05 -19.07
N ASP F 129 5.33 -9.18 -19.38
CA ASP F 129 5.39 -8.44 -20.62
C ASP F 129 6.19 -7.15 -20.51
N ARG F 130 6.81 -6.80 -21.63
CA ARG F 130 7.58 -5.59 -21.77
C ARG F 130 6.63 -4.78 -22.63
N LEU F 131 5.96 -3.80 -22.02
CA LEU F 131 5.00 -2.96 -22.73
C LEU F 131 5.72 -1.80 -23.41
N GLU F 132 5.90 -1.92 -24.73
CA GLU F 132 6.59 -0.89 -25.51
C GLU F 132 5.65 0.14 -26.14
N TYR F 133 5.96 1.41 -25.96
CA TYR F 133 5.16 2.51 -26.49
C TYR F 133 5.80 3.14 -27.73
N HIS F 134 5.00 3.31 -28.77
CA HIS F 134 5.44 3.94 -30.01
C HIS F 134 4.48 5.09 -30.25
N LEU F 135 4.96 6.33 -30.11
CA LEU F 135 4.11 7.51 -30.32
C LEU F 135 4.77 8.50 -31.29
N GLU F 136 3.99 9.04 -32.21
CA GLU F 136 4.50 10.03 -33.14
C GLU F 136 3.64 11.27 -32.93
N VAL F 137 4.21 12.45 -33.15
CA VAL F 137 3.44 13.67 -32.97
C VAL F 137 2.52 13.80 -34.17
N LEU F 138 1.25 14.08 -33.92
CA LEU F 138 0.29 14.24 -35.00
C LEU F 138 0.17 15.74 -35.25
N LYS F 139 0.18 16.51 -34.19
CA LYS F 139 0.04 17.95 -34.30
C LYS F 139 0.33 18.58 -32.93
N HIS F 140 0.91 19.76 -32.92
CA HIS F 140 1.19 20.42 -31.67
C HIS F 140 1.22 21.93 -31.82
N LYS F 141 1.05 22.61 -30.70
CA LYS F 141 1.07 24.06 -30.67
C LYS F 141 1.12 24.47 -29.21
N GLY F 142 2.11 25.26 -28.85
CA GLY F 142 2.24 25.68 -27.48
C GLY F 142 2.34 24.50 -26.53
N MET F 143 1.51 24.52 -25.48
CA MET F 143 1.49 23.45 -24.48
C MET F 143 0.63 22.26 -24.89
N ILE F 144 -0.20 22.46 -25.92
CA ILE F 144 -1.13 21.43 -26.41
C ILE F 144 -0.54 20.51 -27.46
N TRP F 145 -0.40 19.23 -27.12
CA TRP F 145 0.17 18.22 -27.98
C TRP F 145 -0.75 17.06 -28.31
N GLN F 146 -0.80 16.69 -29.58
CA GLN F 146 -1.64 15.57 -30.01
C GLN F 146 -0.77 14.47 -30.61
N VAL F 147 -0.79 13.29 -29.98
CA VAL F 147 0.00 12.16 -30.45
C VAL F 147 -0.86 10.95 -30.76
N GLY F 148 -0.23 9.95 -31.37
CA GLY F 148 -0.93 8.74 -31.70
C GLY F 148 0.08 7.66 -32.00
N GLY F 149 -0.27 6.41 -31.72
CA GLY F 149 0.66 5.33 -31.97
C GLY F 149 0.15 4.01 -31.48
N THR F 150 1.03 3.19 -30.93
CA THR F 150 0.64 1.88 -30.44
C THR F 150 1.44 1.40 -29.23
N ALA F 151 0.92 0.35 -28.60
CA ALA F 151 1.55 -0.29 -27.47
C ALA F 151 1.85 -1.67 -28.02
N GLN F 152 3.08 -2.15 -27.85
CA GLN F 152 3.47 -3.44 -28.40
C GLN F 152 4.13 -4.36 -27.39
N VAL F 153 3.93 -5.66 -27.57
CA VAL F 153 4.53 -6.67 -26.72
C VAL F 153 5.18 -7.67 -27.67
N ASP F 154 6.48 -7.84 -27.54
CA ASP F 154 7.23 -8.77 -28.39
C ASP F 154 6.95 -8.52 -29.88
N GLY F 155 7.00 -7.25 -30.28
CA GLY F 155 6.77 -6.93 -31.69
C GLY F 155 5.33 -6.87 -32.18
N LYS F 156 4.37 -7.34 -31.38
CA LYS F 156 2.96 -7.30 -31.79
C LYS F 156 2.15 -6.17 -31.15
N VAL F 157 1.28 -5.57 -31.97
CA VAL F 157 0.43 -4.48 -31.53
C VAL F 157 -0.63 -4.99 -30.56
N VAL F 158 -0.57 -4.54 -29.31
CA VAL F 158 -1.56 -4.98 -28.35
C VAL F 158 -2.57 -3.85 -28.12
N ALA F 159 -2.26 -2.67 -28.67
CA ALA F 159 -3.16 -1.53 -28.52
C ALA F 159 -2.80 -0.33 -29.38
N GLU F 160 -3.82 0.41 -29.82
CA GLU F 160 -3.59 1.61 -30.61
C GLU F 160 -4.39 2.71 -29.96
N ALA F 161 -3.90 3.93 -30.09
CA ALA F 161 -4.59 5.07 -29.49
C ALA F 161 -4.07 6.42 -29.97
N GLU F 162 -4.94 7.42 -29.84
CA GLU F 162 -4.61 8.80 -30.20
C GLU F 162 -5.04 9.62 -29.00
N LEU F 163 -4.23 10.61 -28.63
CA LEU F 163 -4.58 11.44 -27.48
C LEU F 163 -4.02 12.85 -27.60
N LYS F 164 -4.65 13.78 -26.89
CA LYS F 164 -4.20 15.16 -26.87
C LYS F 164 -4.01 15.57 -25.42
N ALA F 165 -2.82 16.08 -25.10
CA ALA F 165 -2.51 16.48 -23.73
C ALA F 165 -2.06 17.93 -23.62
N MET F 166 -2.19 18.49 -22.43
CA MET F 166 -1.81 19.87 -22.18
C MET F 166 -0.79 19.97 -21.04
N ILE F 167 0.24 20.76 -21.25
CA ILE F 167 1.25 20.99 -20.23
C ILE F 167 0.93 22.34 -19.60
N ALA F 168 1.16 22.47 -18.30
CA ALA F 168 0.87 23.72 -17.60
C ALA F 168 1.65 23.91 -16.30
N GLU F 169 1.59 25.12 -15.76
CA GLU F 169 2.27 25.46 -14.51
C GLU F 169 1.56 24.80 -13.34
#